data_2JX8
#
_entry.id   2JX8
#
_cell.length_a   1.000
_cell.length_b   1.000
_cell.length_c   1.000
_cell.angle_alpha   90.00
_cell.angle_beta   90.00
_cell.angle_gamma   90.00
#
_symmetry.space_group_name_H-M   'P 1'
#
_entity_poly.entity_id   1
_entity_poly.type   'polypeptide(L)'
_entity_poly.pdbx_seq_one_letter_code
;GPLGSLPEELVHAGWEKCWSRRENRPYYFNRFTNQSLWEMPVLGQHDVISDP
;
_entity_poly.pdbx_strand_id   A
#
# COMPACT_ATOMS: atom_id res chain seq x y z
N LEU A 6 9.00 0.15 -2.26
CA LEU A 6 8.19 0.11 -1.01
C LEU A 6 9.11 0.02 0.20
N PRO A 7 9.36 1.15 0.80
CA PRO A 7 10.23 1.21 1.99
C PRO A 7 9.51 0.64 3.21
N GLU A 8 10.23 0.42 4.29
CA GLU A 8 9.58 -0.14 5.51
C GLU A 8 8.32 0.66 5.86
N GLU A 9 8.26 1.90 5.45
CA GLU A 9 7.06 2.74 5.76
C GLU A 9 5.80 2.08 5.20
N LEU A 10 5.82 1.73 3.94
CA LEU A 10 4.61 1.09 3.34
C LEU A 10 4.48 -0.35 3.84
N VAL A 11 5.55 -1.08 3.84
CA VAL A 11 5.49 -2.49 4.34
C VAL A 11 4.91 -2.52 5.76
N HIS A 12 5.07 -1.45 6.48
CA HIS A 12 4.53 -1.42 7.88
C HIS A 12 3.01 -1.48 7.84
N ALA A 13 2.39 -0.68 7.02
CA ALA A 13 0.90 -0.69 6.94
C ALA A 13 0.42 -2.05 6.41
N GLY A 14 1.20 -2.70 5.59
CA GLY A 14 0.79 -4.02 5.04
C GLY A 14 0.86 -3.99 3.51
N TRP A 15 1.28 -2.88 2.94
CA TRP A 15 1.36 -2.80 1.46
C TRP A 15 2.39 -3.79 0.92
N GLU A 16 2.14 -4.36 -0.23
CA GLU A 16 3.10 -5.33 -0.81
C GLU A 16 2.97 -5.35 -2.33
N LYS A 17 4.05 -5.15 -3.04
CA LYS A 17 3.97 -5.15 -4.53
C LYS A 17 3.78 -6.57 -5.05
N CYS A 18 2.94 -6.73 -6.05
CA CYS A 18 2.71 -8.09 -6.61
C CYS A 18 2.35 -8.00 -8.10
N TRP A 19 2.21 -9.12 -8.76
CA TRP A 19 1.86 -9.09 -10.20
C TRP A 19 0.43 -9.58 -10.42
N SER A 20 -0.49 -8.69 -10.66
CA SER A 20 -1.90 -9.10 -10.87
C SER A 20 -2.05 -9.75 -12.26
N ARG A 21 -2.56 -10.96 -12.30
CA ARG A 21 -2.72 -11.64 -13.62
C ARG A 21 -3.82 -10.96 -14.44
N ARG A 22 -4.95 -10.71 -13.85
CA ARG A 22 -6.06 -10.05 -14.60
C ARG A 22 -5.57 -8.76 -15.25
N GLU A 23 -4.86 -7.94 -14.53
CA GLU A 23 -4.36 -6.67 -15.10
C GLU A 23 -3.08 -6.93 -15.92
N ASN A 24 -2.51 -8.08 -15.78
CA ASN A 24 -1.27 -8.41 -16.54
C ASN A 24 -0.16 -7.40 -16.21
N ARG A 25 0.09 -7.18 -14.95
CA ARG A 25 1.15 -6.20 -14.57
C ARG A 25 1.27 -6.17 -13.04
N PRO A 26 2.27 -5.45 -12.58
CA PRO A 26 2.51 -5.34 -11.13
C PRO A 26 1.67 -4.21 -10.53
N TYR A 27 1.59 -4.16 -9.22
CA TYR A 27 0.80 -3.09 -8.56
C TYR A 27 1.04 -3.13 -7.05
N TYR A 28 0.06 -2.77 -6.27
CA TYR A 28 0.24 -2.80 -4.79
C TYR A 28 -0.97 -3.46 -4.14
N PHE A 29 -0.76 -4.23 -3.10
CA PHE A 29 -1.90 -4.91 -2.43
C PHE A 29 -1.78 -4.79 -0.92
N ASN A 30 -2.69 -4.11 -0.29
CA ASN A 30 -2.62 -3.95 1.19
C ASN A 30 -3.10 -5.24 1.87
N ARG A 31 -2.20 -6.04 2.34
CA ARG A 31 -2.62 -7.31 3.01
C ARG A 31 -3.38 -6.97 4.29
N PHE A 32 -3.35 -5.73 4.70
CA PHE A 32 -4.08 -5.34 5.94
C PHE A 32 -5.55 -5.03 5.62
N THR A 33 -5.79 -4.16 4.68
CA THR A 33 -7.20 -3.82 4.31
C THR A 33 -7.57 -4.50 3.00
N ASN A 34 -6.81 -5.46 2.57
CA ASN A 34 -7.13 -6.18 1.30
C ASN A 34 -7.22 -5.18 0.14
N GLN A 35 -6.72 -3.98 0.32
CA GLN A 35 -6.78 -2.98 -0.76
C GLN A 35 -5.97 -3.44 -1.99
N SER A 36 -6.24 -2.88 -3.13
CA SER A 36 -5.49 -3.26 -4.36
C SER A 36 -5.28 -2.02 -5.23
N LEU A 37 -4.15 -1.38 -5.11
CA LEU A 37 -3.89 -0.16 -5.93
C LEU A 37 -3.09 -0.50 -7.17
N TRP A 38 -2.57 0.51 -7.82
CA TRP A 38 -1.76 0.28 -9.05
C TRP A 38 -0.52 1.19 -9.02
N GLU A 39 -0.33 1.90 -7.94
CA GLU A 39 0.85 2.80 -7.82
C GLU A 39 1.23 2.95 -6.36
N MET A 40 2.49 3.05 -6.04
CA MET A 40 2.92 3.21 -4.63
C MET A 40 1.96 4.14 -3.87
N PRO A 41 1.46 3.64 -2.77
CA PRO A 41 0.51 4.43 -1.95
C PRO A 41 1.26 5.45 -1.09
N VAL A 42 0.58 6.04 -0.14
CA VAL A 42 1.26 7.06 0.73
C VAL A 42 1.12 6.65 2.20
N LEU A 43 1.64 7.46 3.09
CA LEU A 43 1.53 7.12 4.54
C LEU A 43 1.48 8.41 5.37
N GLY A 44 1.76 8.31 6.64
CA GLY A 44 1.73 9.52 7.51
C GLY A 44 2.98 10.36 7.25
N GLN A 45 3.83 9.94 6.37
CA GLN A 45 5.06 10.72 6.07
C GLN A 45 4.74 12.22 5.98
N HIS A 46 3.52 12.55 5.64
CA HIS A 46 3.15 13.99 5.54
C HIS A 46 3.18 14.65 6.92
N ASP A 47 2.41 15.69 7.11
CA ASP A 47 2.40 16.38 8.43
C ASP A 47 1.57 15.59 9.44
N VAL A 48 1.55 16.00 10.67
CA VAL A 48 0.76 15.27 11.70
C VAL A 48 -0.38 16.16 12.20
N ILE A 49 -1.53 16.08 11.58
CA ILE A 49 -2.68 16.91 12.02
C ILE A 49 -3.40 16.24 13.20
N SER A 50 -2.77 16.17 14.34
CA SER A 50 -3.42 15.53 15.52
C SER A 50 -3.24 16.42 16.75
N ASP A 51 -4.23 16.45 17.61
CA ASP A 51 -4.12 17.29 18.83
C ASP A 51 -4.66 16.53 20.05
N PRO A 52 -4.09 15.39 20.28
CA PRO A 52 -4.50 14.55 21.44
C PRO A 52 -4.02 15.17 22.75
N LEU A 6 8.92 0.51 -2.18
CA LEU A 6 8.13 0.38 -0.93
C LEU A 6 9.04 0.50 0.29
N PRO A 7 9.02 1.67 0.89
CA PRO A 7 9.86 1.92 2.08
C PRO A 7 9.29 1.22 3.31
N GLU A 8 10.10 1.07 4.33
CA GLU A 8 9.62 0.39 5.57
C GLU A 8 8.29 0.99 6.02
N GLU A 9 8.07 2.25 5.75
CA GLU A 9 6.79 2.89 6.17
C GLU A 9 5.59 2.14 5.59
N LEU A 10 5.62 1.85 4.33
CA LEU A 10 4.47 1.12 3.70
C LEU A 10 4.47 -0.34 4.13
N VAL A 11 5.62 -0.95 4.17
CA VAL A 11 5.68 -2.39 4.59
C VAL A 11 4.97 -2.58 5.93
N HIS A 12 5.17 -1.68 6.85
CA HIS A 12 4.50 -1.80 8.18
C HIS A 12 2.99 -1.66 8.02
N ALA A 13 2.56 -0.88 7.07
CA ALA A 13 1.09 -0.70 6.86
C ALA A 13 0.47 -2.03 6.38
N GLY A 14 1.18 -2.78 5.59
CA GLY A 14 0.62 -4.07 5.10
C GLY A 14 0.56 -4.06 3.57
N TRP A 15 1.32 -3.22 2.93
CA TRP A 15 1.29 -3.18 1.44
C TRP A 15 2.29 -4.17 0.86
N GLU A 16 2.20 -4.44 -0.43
CA GLU A 16 3.15 -5.39 -1.06
C GLU A 16 3.10 -5.23 -2.58
N LYS A 17 4.22 -5.35 -3.24
CA LYS A 17 4.24 -5.20 -4.73
C LYS A 17 4.25 -6.58 -5.40
N CYS A 18 3.24 -6.90 -6.16
CA CYS A 18 3.20 -8.22 -6.84
C CYS A 18 2.76 -8.06 -8.30
N TRP A 19 2.39 -9.12 -8.94
CA TRP A 19 1.95 -9.03 -10.36
C TRP A 19 0.51 -9.54 -10.50
N SER A 20 -0.43 -8.64 -10.70
CA SER A 20 -1.85 -9.08 -10.84
C SER A 20 -2.07 -9.72 -12.22
N ARG A 21 -2.58 -10.92 -12.25
CA ARG A 21 -2.80 -11.61 -13.55
C ARG A 21 -3.99 -10.98 -14.29
N ARG A 22 -4.96 -10.50 -13.56
CA ARG A 22 -6.14 -9.90 -14.23
C ARG A 22 -5.72 -8.66 -15.03
N GLU A 23 -5.03 -7.76 -14.41
CA GLU A 23 -4.59 -6.52 -15.13
C GLU A 23 -3.34 -6.82 -15.96
N ASN A 24 -2.75 -7.97 -15.76
CA ASN A 24 -1.51 -8.32 -16.52
C ASN A 24 -0.41 -7.31 -16.24
N ARG A 25 -0.16 -7.01 -14.99
CA ARG A 25 0.90 -6.04 -14.63
C ARG A 25 1.08 -6.02 -13.13
N PRO A 26 2.07 -5.30 -12.68
CA PRO A 26 2.36 -5.22 -11.24
C PRO A 26 1.50 -4.12 -10.58
N TYR A 27 1.41 -4.16 -9.29
CA TYR A 27 0.60 -3.14 -8.57
C TYR A 27 0.86 -3.22 -7.06
N TYR A 28 -0.12 -2.92 -6.25
CA TYR A 28 0.08 -2.99 -4.78
C TYR A 28 -1.15 -3.60 -4.11
N PHE A 29 -0.94 -4.55 -3.24
CA PHE A 29 -2.11 -5.18 -2.55
C PHE A 29 -1.89 -5.14 -1.04
N ASN A 30 -2.64 -4.34 -0.34
CA ASN A 30 -2.46 -4.26 1.13
C ASN A 30 -3.12 -5.46 1.82
N ARG A 31 -2.32 -6.41 2.24
CA ARG A 31 -2.90 -7.61 2.93
C ARG A 31 -3.64 -7.19 4.19
N PHE A 32 -3.45 -5.97 4.62
CA PHE A 32 -4.14 -5.49 5.86
C PHE A 32 -5.60 -5.12 5.53
N THR A 33 -5.79 -4.10 4.75
CA THR A 33 -7.19 -3.69 4.39
C THR A 33 -7.59 -4.31 3.05
N ASN A 34 -6.86 -5.28 2.59
CA ASN A 34 -7.19 -5.93 1.30
C ASN A 34 -7.20 -4.91 0.16
N GLN A 35 -6.57 -3.78 0.36
CA GLN A 35 -6.55 -2.76 -0.72
C GLN A 35 -5.83 -3.29 -1.97
N SER A 36 -6.11 -2.72 -3.11
CA SER A 36 -5.45 -3.19 -4.35
C SER A 36 -5.23 -2.00 -5.29
N LEU A 37 -4.14 -1.30 -5.12
CA LEU A 37 -3.87 -0.11 -5.98
C LEU A 37 -3.10 -0.53 -7.23
N TRP A 38 -2.45 0.42 -7.86
CA TRP A 38 -1.66 0.12 -9.08
C TRP A 38 -0.33 0.87 -9.04
N GLU A 39 -0.07 1.56 -7.96
CA GLU A 39 1.21 2.32 -7.84
C GLU A 39 1.55 2.53 -6.36
N MET A 40 2.80 2.61 -6.04
CA MET A 40 3.19 2.81 -4.61
C MET A 40 2.25 3.83 -3.94
N PRO A 41 1.70 3.43 -2.84
CA PRO A 41 0.77 4.30 -2.09
C PRO A 41 1.55 5.32 -1.26
N VAL A 42 0.89 5.96 -0.33
CA VAL A 42 1.59 6.97 0.51
C VAL A 42 1.25 6.75 1.98
N LEU A 43 1.84 7.52 2.86
CA LEU A 43 1.55 7.35 4.32
C LEU A 43 1.66 8.69 5.05
N GLY A 44 0.86 8.89 6.06
CA GLY A 44 0.92 10.18 6.81
C GLY A 44 1.51 9.94 8.20
N GLN A 45 1.51 8.71 8.64
CA GLN A 45 2.07 8.41 9.99
C GLN A 45 3.55 8.81 10.04
N HIS A 46 4.22 8.49 11.12
CA HIS A 46 5.67 8.85 11.22
C HIS A 46 5.88 10.30 10.76
N ASP A 47 5.29 11.24 11.43
CA ASP A 47 5.47 12.66 11.02
C ASP A 47 6.05 13.48 12.17
N VAL A 48 5.99 14.78 12.09
CA VAL A 48 6.54 15.62 13.18
C VAL A 48 5.41 16.16 14.07
N ILE A 49 4.85 15.31 14.90
CA ILE A 49 3.74 15.77 15.79
C ILE A 49 4.13 17.08 16.48
N SER A 50 3.27 18.06 16.43
CA SER A 50 3.61 19.37 17.08
C SER A 50 3.13 19.35 18.54
N ASP A 51 1.93 19.78 18.80
CA ASP A 51 1.42 19.80 20.19
C ASP A 51 1.13 18.37 20.67
N PRO A 52 1.40 18.13 21.93
CA PRO A 52 1.18 16.80 22.51
C PRO A 52 -0.32 16.55 22.71
N LEU A 6 8.72 -0.43 -1.83
CA LEU A 6 8.02 0.16 -0.66
C LEU A 6 8.97 0.25 0.54
N PRO A 7 9.10 1.43 1.07
CA PRO A 7 9.98 1.65 2.24
C PRO A 7 9.38 1.05 3.51
N GLU A 8 10.15 0.93 4.55
CA GLU A 8 9.63 0.36 5.82
C GLU A 8 8.30 1.04 6.21
N GLU A 9 8.10 2.25 5.79
CA GLU A 9 6.84 2.95 6.13
C GLU A 9 5.63 2.18 5.62
N LEU A 10 5.60 1.89 4.35
CA LEU A 10 4.45 1.13 3.79
C LEU A 10 4.51 -0.34 4.23
N VAL A 11 5.67 -0.91 4.23
CA VAL A 11 5.80 -2.34 4.66
C VAL A 11 5.13 -2.54 6.01
N HIS A 12 5.26 -1.58 6.89
CA HIS A 12 4.64 -1.69 8.24
C HIS A 12 3.11 -1.70 8.11
N ALA A 13 2.57 -0.91 7.23
CA ALA A 13 1.09 -0.87 7.07
C ALA A 13 0.58 -2.23 6.56
N GLY A 14 1.32 -2.87 5.70
CA GLY A 14 0.87 -4.19 5.18
C GLY A 14 0.80 -4.15 3.66
N TRP A 15 1.53 -3.26 3.03
CA TRP A 15 1.50 -3.18 1.54
C TRP A 15 2.53 -4.14 0.94
N GLU A 16 2.38 -4.49 -0.31
CA GLU A 16 3.35 -5.42 -0.95
C GLU A 16 3.21 -5.36 -2.47
N LYS A 17 4.31 -5.12 -3.15
CA LYS A 17 4.25 -5.05 -4.64
C LYS A 17 4.11 -6.45 -5.24
N CYS A 18 3.26 -6.60 -6.22
CA CYS A 18 3.09 -7.96 -6.84
C CYS A 18 2.63 -7.82 -8.28
N TRP A 19 2.39 -8.92 -8.95
CA TRP A 19 1.95 -8.86 -10.37
C TRP A 19 0.53 -9.45 -10.50
N SER A 20 -0.45 -8.64 -10.74
CA SER A 20 -1.84 -9.16 -10.88
C SER A 20 -1.99 -9.89 -12.22
N ARG A 21 -2.41 -11.12 -12.19
CA ARG A 21 -2.57 -11.88 -13.47
C ARG A 21 -3.82 -11.41 -14.22
N ARG A 22 -4.76 -10.85 -13.53
CA ARG A 22 -6.01 -10.36 -14.22
C ARG A 22 -5.72 -9.06 -14.95
N GLU A 23 -5.08 -8.14 -14.30
CA GLU A 23 -4.76 -6.83 -14.96
C GLU A 23 -3.53 -6.98 -15.85
N ASN A 24 -2.84 -8.08 -15.75
CA ASN A 24 -1.62 -8.29 -16.59
C ASN A 24 -0.60 -7.19 -16.31
N ARG A 25 -0.29 -6.96 -15.06
CA ARG A 25 0.72 -5.92 -14.72
C ARG A 25 0.94 -5.92 -13.20
N PRO A 26 1.91 -5.15 -12.78
CA PRO A 26 2.24 -5.06 -11.35
C PRO A 26 1.39 -4.00 -10.65
N TYR A 27 1.39 -4.00 -9.36
CA TYR A 27 0.58 -2.99 -8.61
C TYR A 27 0.87 -3.09 -7.11
N TYR A 28 -0.05 -2.68 -6.28
CA TYR A 28 0.18 -2.76 -4.81
C TYR A 28 -1.01 -3.43 -4.14
N PHE A 29 -0.77 -4.43 -3.33
CA PHE A 29 -1.91 -5.12 -2.65
C PHE A 29 -1.76 -5.01 -1.13
N ASN A 30 -2.63 -4.30 -0.49
CA ASN A 30 -2.54 -4.15 0.99
C ASN A 30 -3.17 -5.37 1.68
N ARG A 31 -2.36 -6.28 2.17
CA ARG A 31 -2.92 -7.47 2.86
C ARG A 31 -3.65 -7.05 4.13
N PHE A 32 -3.49 -5.82 4.52
CA PHE A 32 -4.17 -5.33 5.76
C PHE A 32 -5.62 -4.97 5.45
N THR A 33 -5.84 -4.00 4.61
CA THR A 33 -7.23 -3.60 4.26
C THR A 33 -7.67 -4.28 2.97
N ASN A 34 -6.91 -5.24 2.51
CA ASN A 34 -7.26 -5.96 1.26
C ASN A 34 -7.34 -4.99 0.07
N GLN A 35 -6.72 -3.85 0.19
CA GLN A 35 -6.77 -2.86 -0.93
C GLN A 35 -6.01 -3.38 -2.15
N SER A 36 -6.22 -2.78 -3.28
CA SER A 36 -5.51 -3.21 -4.51
C SER A 36 -5.28 -2.00 -5.42
N LEU A 37 -4.22 -1.28 -5.20
CA LEU A 37 -3.94 -0.07 -6.03
C LEU A 37 -3.18 -0.44 -7.30
N TRP A 38 -2.58 0.53 -7.92
CA TRP A 38 -1.80 0.27 -9.17
C TRP A 38 -0.51 1.07 -9.15
N GLU A 39 -0.24 1.75 -8.06
CA GLU A 39 1.00 2.55 -7.97
C GLU A 39 1.39 2.74 -6.51
N MET A 40 2.66 2.90 -6.23
CA MET A 40 3.10 3.08 -4.82
C MET A 40 2.12 4.00 -4.07
N PRO A 41 1.67 3.53 -2.94
CA PRO A 41 0.73 4.31 -2.12
C PRO A 41 1.47 5.33 -1.26
N VAL A 42 0.79 5.98 -0.35
CA VAL A 42 1.46 6.99 0.51
C VAL A 42 1.30 6.60 1.99
N LEU A 43 1.96 7.32 2.87
CA LEU A 43 1.84 7.00 4.32
C LEU A 43 2.00 8.27 5.15
N GLY A 44 1.38 8.30 6.31
CA GLY A 44 1.50 9.51 7.17
C GLY A 44 0.10 9.98 7.56
N GLN A 45 -0.42 9.47 8.65
CA GLN A 45 -1.78 9.90 9.10
C GLN A 45 -1.71 11.27 9.75
N HIS A 46 -0.56 11.68 10.19
CA HIS A 46 -0.43 13.02 10.84
C HIS A 46 0.98 13.58 10.62
N ASP A 47 1.24 14.09 9.45
CA ASP A 47 2.60 14.66 9.17
C ASP A 47 2.62 16.15 9.53
N VAL A 48 3.63 16.85 9.09
CA VAL A 48 3.72 18.30 9.40
C VAL A 48 3.28 19.13 8.18
N ILE A 49 2.03 19.48 8.11
CA ILE A 49 1.55 20.28 6.95
C ILE A 49 1.26 21.72 7.38
N SER A 50 1.76 22.69 6.65
CA SER A 50 1.52 24.10 7.03
C SER A 50 0.03 24.44 6.89
N ASP A 51 -0.62 24.71 7.98
CA ASP A 51 -2.08 25.05 7.93
C ASP A 51 -2.54 25.63 9.27
N PRO A 52 -2.76 26.91 9.27
CA PRO A 52 -3.22 27.61 10.50
C PRO A 52 -4.68 27.27 10.79
N LEU A 6 9.25 0.72 -1.80
CA LEU A 6 8.40 0.48 -0.59
C LEU A 6 9.26 0.51 0.67
N PRO A 7 9.34 1.66 1.27
CA PRO A 7 10.14 1.84 2.50
C PRO A 7 9.46 1.16 3.70
N GLU A 8 10.17 0.99 4.77
CA GLU A 8 9.58 0.33 5.97
C GLU A 8 8.25 1.00 6.34
N GLU A 9 8.10 2.26 6.01
CA GLU A 9 6.82 2.96 6.35
C GLU A 9 5.63 2.25 5.70
N LEU A 10 5.72 2.00 4.42
CA LEU A 10 4.59 1.31 3.72
C LEU A 10 4.54 -0.16 4.11
N VAL A 11 5.67 -0.81 4.14
CA VAL A 11 5.69 -2.25 4.51
C VAL A 11 4.98 -2.46 5.85
N HIS A 12 5.11 -1.52 6.74
CA HIS A 12 4.44 -1.65 8.07
C HIS A 12 2.92 -1.63 7.89
N ALA A 13 2.44 -0.83 6.98
CA ALA A 13 0.96 -0.77 6.75
C ALA A 13 0.46 -2.11 6.22
N GLY A 14 1.27 -2.81 5.49
CA GLY A 14 0.85 -4.13 4.94
C GLY A 14 0.78 -4.06 3.42
N TRP A 15 1.59 -3.24 2.81
CA TRP A 15 1.56 -3.14 1.32
C TRP A 15 2.57 -4.12 0.70
N GLU A 16 2.19 -4.76 -0.38
CA GLU A 16 3.13 -5.73 -1.02
C GLU A 16 3.01 -5.65 -2.55
N LYS A 17 4.10 -5.37 -3.23
CA LYS A 17 4.05 -5.28 -4.71
C LYS A 17 3.93 -6.67 -5.34
N CYS A 18 2.98 -6.87 -6.22
CA CYS A 18 2.82 -8.20 -6.85
C CYS A 18 2.36 -8.05 -8.31
N TRP A 19 2.28 -9.13 -9.03
CA TRP A 19 1.83 -9.06 -10.45
C TRP A 19 0.41 -9.61 -10.59
N SER A 20 -0.56 -8.76 -10.80
CA SER A 20 -1.96 -9.25 -10.93
C SER A 20 -2.14 -9.92 -12.30
N ARG A 21 -2.57 -11.15 -12.31
CA ARG A 21 -2.76 -11.86 -13.61
C ARG A 21 -4.01 -11.32 -14.33
N ARG A 22 -4.96 -10.81 -13.60
CA ARG A 22 -6.19 -10.27 -14.23
C ARG A 22 -5.86 -8.99 -15.01
N GLU A 23 -5.20 -8.07 -14.37
CA GLU A 23 -4.85 -6.79 -15.06
C GLU A 23 -3.61 -6.98 -15.93
N ASN A 24 -2.96 -8.11 -15.79
CA ASN A 24 -1.74 -8.37 -16.61
C ASN A 24 -0.68 -7.31 -16.34
N ARG A 25 -0.38 -7.08 -15.09
CA ARG A 25 0.66 -6.06 -14.74
C ARG A 25 0.90 -6.07 -13.24
N PRO A 26 1.91 -5.34 -12.83
CA PRO A 26 2.25 -5.26 -11.41
C PRO A 26 1.46 -4.16 -10.71
N TYR A 27 1.47 -4.15 -9.41
CA TYR A 27 0.70 -3.10 -8.67
C TYR A 27 0.99 -3.22 -7.16
N TYR A 28 0.07 -2.79 -6.34
CA TYR A 28 0.29 -2.90 -4.88
C TYR A 28 -0.94 -3.53 -4.20
N PHE A 29 -0.72 -4.42 -3.29
CA PHE A 29 -1.88 -5.08 -2.60
C PHE A 29 -1.74 -4.97 -1.09
N ASN A 30 -2.61 -4.23 -0.45
CA ASN A 30 -2.52 -4.10 1.02
C ASN A 30 -3.09 -5.34 1.71
N ARG A 31 -2.26 -6.26 2.09
CA ARG A 31 -2.77 -7.49 2.76
C ARG A 31 -3.51 -7.12 4.05
N PHE A 32 -3.35 -5.90 4.50
CA PHE A 32 -4.05 -5.46 5.74
C PHE A 32 -5.51 -5.14 5.44
N THR A 33 -5.75 -4.13 4.65
CA THR A 33 -7.16 -3.76 4.32
C THR A 33 -7.58 -4.39 2.98
N ASN A 34 -6.82 -5.34 2.51
CA ASN A 34 -7.15 -6.02 1.22
C ASN A 34 -7.21 -4.99 0.08
N GLN A 35 -6.63 -3.84 0.26
CA GLN A 35 -6.66 -2.82 -0.82
C GLN A 35 -5.91 -3.31 -2.06
N SER A 36 -6.17 -2.73 -3.19
CA SER A 36 -5.48 -3.13 -4.44
C SER A 36 -5.21 -1.90 -5.30
N LEU A 37 -4.06 -1.29 -5.14
CA LEU A 37 -3.75 -0.07 -5.94
C LEU A 37 -2.98 -0.43 -7.20
N TRP A 38 -2.37 0.55 -7.81
CA TRP A 38 -1.59 0.30 -9.05
C TRP A 38 -0.28 1.09 -8.99
N GLU A 39 -0.02 1.75 -7.90
CA GLU A 39 1.24 2.53 -7.77
C GLU A 39 1.59 2.71 -6.28
N MET A 40 2.84 2.82 -5.96
CA MET A 40 3.24 2.99 -4.53
C MET A 40 2.28 3.96 -3.83
N PRO A 41 1.76 3.51 -2.72
CA PRO A 41 0.81 4.33 -1.94
C PRO A 41 1.57 5.36 -1.08
N VAL A 42 0.88 6.01 -0.19
CA VAL A 42 1.55 7.02 0.68
C VAL A 42 1.19 6.78 2.14
N LEU A 43 1.66 7.60 3.03
CA LEU A 43 1.33 7.41 4.47
C LEU A 43 1.20 8.77 5.16
N GLY A 44 1.16 8.79 6.47
CA GLY A 44 1.02 10.08 7.19
C GLY A 44 -0.32 10.73 6.85
N GLN A 45 -1.41 10.03 7.10
CA GLN A 45 -2.74 10.60 6.79
C GLN A 45 -3.29 11.38 7.98
N HIS A 46 -2.42 11.94 8.78
CA HIS A 46 -2.88 12.70 9.96
C HIS A 46 -1.68 13.19 10.79
N ASP A 47 -1.00 14.20 10.34
CA ASP A 47 0.18 14.71 11.10
C ASP A 47 -0.18 16.02 11.80
N VAL A 48 0.82 16.77 12.20
CA VAL A 48 0.53 18.06 12.89
C VAL A 48 -0.56 17.86 13.94
N ILE A 49 -0.45 16.84 14.75
CA ILE A 49 -1.48 16.59 15.80
C ILE A 49 -0.88 16.81 17.19
N SER A 50 -0.80 18.02 17.64
CA SER A 50 -0.23 18.29 18.99
C SER A 50 -0.77 19.61 19.55
N ASP A 51 -2.01 19.64 19.94
CA ASP A 51 -2.59 20.89 20.49
C ASP A 51 -4.05 20.67 20.89
N PRO A 52 -4.23 20.15 22.07
CA PRO A 52 -5.60 19.89 22.59
C PRO A 52 -6.29 21.20 22.96
N LEU A 6 9.10 -0.75 -1.52
CA LEU A 6 8.26 0.18 -0.72
C LEU A 6 9.03 0.65 0.51
N PRO A 7 8.70 1.83 0.96
CA PRO A 7 9.36 2.42 2.14
C PRO A 7 8.89 1.73 3.43
N GLU A 8 9.65 1.86 4.48
CA GLU A 8 9.26 1.23 5.77
C GLU A 8 7.83 1.60 6.15
N GLU A 9 7.48 2.85 6.05
CA GLU A 9 6.10 3.29 6.42
C GLU A 9 5.05 2.42 5.71
N LEU A 10 5.32 1.97 4.53
CA LEU A 10 4.33 1.14 3.80
C LEU A 10 4.45 -0.33 4.21
N VAL A 11 5.64 -0.83 4.32
CA VAL A 11 5.83 -2.26 4.71
C VAL A 11 5.10 -2.53 6.03
N HIS A 12 5.28 -1.70 7.00
CA HIS A 12 4.60 -1.90 8.31
C HIS A 12 3.09 -1.90 8.12
N ALA A 13 2.60 -1.19 7.13
CA ALA A 13 1.13 -1.16 6.90
C ALA A 13 0.65 -2.50 6.35
N GLY A 14 1.44 -3.12 5.50
CA GLY A 14 1.03 -4.44 4.94
C GLY A 14 1.00 -4.35 3.41
N TRP A 15 1.65 -3.38 2.84
CA TRP A 15 1.65 -3.25 1.34
C TRP A 15 2.72 -4.17 0.74
N GLU A 16 2.55 -4.54 -0.50
CA GLU A 16 3.55 -5.43 -1.15
C GLU A 16 3.39 -5.38 -2.68
N LYS A 17 4.48 -5.44 -3.40
CA LYS A 17 4.39 -5.39 -4.89
C LYS A 17 4.07 -6.79 -5.44
N CYS A 18 3.09 -6.89 -6.28
CA CYS A 18 2.74 -8.23 -6.86
C CYS A 18 2.28 -8.09 -8.30
N TRP A 19 2.12 -9.18 -8.99
CA TRP A 19 1.68 -9.13 -10.41
C TRP A 19 0.23 -9.62 -10.54
N SER A 20 -0.70 -8.73 -10.71
CA SER A 20 -2.13 -9.15 -10.84
C SER A 20 -2.37 -9.78 -12.21
N ARG A 21 -2.58 -11.08 -12.26
CA ARG A 21 -2.82 -11.74 -13.57
C ARG A 21 -4.07 -11.17 -14.24
N ARG A 22 -5.06 -10.79 -13.47
CA ARG A 22 -6.29 -10.22 -14.07
C ARG A 22 -5.96 -8.92 -14.81
N GLU A 23 -5.26 -8.03 -14.17
CA GLU A 23 -4.91 -6.74 -14.83
C GLU A 23 -3.70 -6.93 -15.74
N ASN A 24 -3.07 -8.07 -15.67
CA ASN A 24 -1.88 -8.34 -16.53
C ASN A 24 -0.78 -7.31 -16.25
N ARG A 25 -0.45 -7.10 -15.01
CA ARG A 25 0.62 -6.12 -14.67
C ARG A 25 0.86 -6.13 -13.16
N PRO A 26 1.89 -5.44 -12.78
CA PRO A 26 2.26 -5.36 -11.34
C PRO A 26 1.48 -4.24 -10.66
N TYR A 27 1.51 -4.19 -9.36
CA TYR A 27 0.76 -3.13 -8.63
C TYR A 27 1.05 -3.23 -7.12
N TYR A 28 0.13 -2.79 -6.31
CA TYR A 28 0.35 -2.86 -4.84
C TYR A 28 -0.88 -3.48 -4.16
N PHE A 29 -0.69 -4.50 -3.36
CA PHE A 29 -1.85 -5.13 -2.69
C PHE A 29 -1.69 -5.05 -1.18
N ASN A 30 -2.54 -4.30 -0.52
CA ASN A 30 -2.43 -4.18 0.95
C ASN A 30 -3.07 -5.40 1.63
N ARG A 31 -2.27 -6.30 2.13
CA ARG A 31 -2.84 -7.50 2.80
C ARG A 31 -3.51 -7.10 4.12
N PHE A 32 -3.37 -5.85 4.51
CA PHE A 32 -4.01 -5.40 5.78
C PHE A 32 -5.42 -4.87 5.50
N THR A 33 -5.57 -4.08 4.47
CA THR A 33 -6.92 -3.53 4.14
C THR A 33 -7.42 -4.15 2.82
N ASN A 34 -6.77 -5.18 2.36
CA ASN A 34 -7.20 -5.82 1.08
C ASN A 34 -7.20 -4.78 -0.06
N GLN A 35 -6.55 -3.67 0.15
CA GLN A 35 -6.51 -2.63 -0.91
C GLN A 35 -5.79 -3.15 -2.16
N SER A 36 -6.04 -2.55 -3.29
CA SER A 36 -5.37 -3.00 -4.54
C SER A 36 -5.10 -1.78 -5.43
N LEU A 37 -3.98 -1.15 -5.24
CA LEU A 37 -3.65 0.06 -6.05
C LEU A 37 -2.86 -0.33 -7.30
N TRP A 38 -2.21 0.62 -7.91
CA TRP A 38 -1.42 0.33 -9.13
C TRP A 38 -0.08 1.08 -9.07
N GLU A 39 0.19 1.75 -7.97
CA GLU A 39 1.46 2.50 -7.84
C GLU A 39 1.79 2.69 -6.36
N MET A 40 3.05 2.73 -6.01
CA MET A 40 3.43 2.91 -4.58
C MET A 40 2.52 3.95 -3.92
N PRO A 41 1.85 3.52 -2.88
CA PRO A 41 0.93 4.41 -2.15
C PRO A 41 1.69 5.27 -1.15
N VAL A 42 1.00 5.86 -0.21
CA VAL A 42 1.68 6.72 0.81
C VAL A 42 1.06 6.48 2.19
N LEU A 43 1.66 7.01 3.22
CA LEU A 43 1.10 6.82 4.59
C LEU A 43 1.51 7.97 5.50
N GLY A 44 0.75 8.20 6.55
CA GLY A 44 1.10 9.32 7.47
C GLY A 44 -0.06 10.32 7.51
N GLN A 45 -1.21 9.90 7.94
CA GLN A 45 -2.38 10.82 8.01
C GLN A 45 -2.00 12.09 8.77
N HIS A 46 -2.07 13.23 8.12
CA HIS A 46 -1.71 14.50 8.81
C HIS A 46 -2.94 15.41 8.89
N ASP A 47 -4.08 14.93 8.49
CA ASP A 47 -5.31 15.77 8.55
C ASP A 47 -6.15 15.40 9.78
N VAL A 48 -7.36 15.89 9.86
CA VAL A 48 -8.23 15.57 11.02
C VAL A 48 -9.04 14.30 10.74
N ILE A 49 -9.35 13.54 11.75
CA ILE A 49 -10.14 12.30 11.53
C ILE A 49 -11.55 12.46 12.10
N SER A 50 -12.56 12.30 11.29
CA SER A 50 -13.95 12.43 11.78
C SER A 50 -14.55 11.06 12.12
N ASP A 51 -14.64 10.72 13.37
CA ASP A 51 -15.21 9.40 13.75
C ASP A 51 -16.72 9.38 13.53
N PRO A 52 -17.18 8.36 12.85
CA PRO A 52 -18.63 8.22 12.57
C PRO A 52 -19.39 7.84 13.84
N LEU A 6 8.80 -0.46 -1.94
CA LEU A 6 8.00 -0.30 -0.69
C LEU A 6 8.91 0.02 0.49
N PRO A 7 8.85 1.26 0.92
CA PRO A 7 9.69 1.71 2.06
C PRO A 7 9.13 1.17 3.38
N GLU A 8 9.92 1.22 4.41
CA GLU A 8 9.45 0.71 5.73
C GLU A 8 8.08 1.31 6.09
N GLU A 9 7.81 2.50 5.65
CA GLU A 9 6.49 3.13 5.97
C GLU A 9 5.35 2.26 5.45
N LEU A 10 5.45 1.80 4.24
CA LEU A 10 4.37 0.93 3.67
C LEU A 10 4.45 -0.47 4.24
N VAL A 11 5.63 -1.04 4.26
CA VAL A 11 5.79 -2.42 4.82
C VAL A 11 5.21 -2.48 6.23
N HIS A 12 5.22 -1.39 6.94
CA HIS A 12 4.66 -1.38 8.32
C HIS A 12 3.16 -1.64 8.27
N ALA A 13 2.45 -0.95 7.41
CA ALA A 13 0.98 -1.17 7.30
C ALA A 13 0.69 -2.59 6.83
N GLY A 14 0.94 -2.85 5.57
CA GLY A 14 0.70 -4.22 5.03
C GLY A 14 0.67 -4.18 3.50
N TRP A 15 1.47 -3.34 2.89
CA TRP A 15 1.48 -3.27 1.40
C TRP A 15 2.53 -4.23 0.84
N GLU A 16 2.33 -4.70 -0.36
CA GLU A 16 3.32 -5.64 -0.96
C GLU A 16 3.24 -5.58 -2.49
N LYS A 17 4.35 -5.38 -3.14
CA LYS A 17 4.35 -5.31 -4.63
C LYS A 17 4.13 -6.71 -5.22
N CYS A 18 3.26 -6.83 -6.18
CA CYS A 18 3.01 -8.17 -6.80
C CYS A 18 2.60 -8.02 -8.26
N TRP A 19 2.23 -9.09 -8.89
CA TRP A 19 1.81 -9.02 -10.32
C TRP A 19 0.36 -9.49 -10.47
N SER A 20 -0.55 -8.58 -10.68
CA SER A 20 -1.98 -8.98 -10.83
C SER A 20 -2.20 -9.64 -12.20
N ARG A 21 -2.67 -10.85 -12.22
CA ARG A 21 -2.91 -11.54 -13.51
C ARG A 21 -4.09 -10.90 -14.25
N ARG A 22 -5.06 -10.41 -13.53
CA ARG A 22 -6.24 -9.77 -14.19
C ARG A 22 -5.80 -8.52 -14.95
N GLU A 23 -4.99 -7.71 -14.33
CA GLU A 23 -4.53 -6.46 -15.00
C GLU A 23 -3.29 -6.75 -15.86
N ASN A 24 -2.72 -7.92 -15.71
CA ASN A 24 -1.51 -8.28 -16.51
C ASN A 24 -0.38 -7.29 -16.22
N ARG A 25 -0.13 -7.02 -14.98
CA ARG A 25 0.97 -6.07 -14.63
C ARG A 25 1.13 -6.04 -13.11
N PRO A 26 2.14 -5.35 -12.66
CA PRO A 26 2.40 -5.24 -11.22
C PRO A 26 1.57 -4.12 -10.59
N TYR A 27 1.45 -4.15 -9.29
CA TYR A 27 0.66 -3.09 -8.59
C TYR A 27 0.93 -3.14 -7.08
N TYR A 28 -0.06 -2.84 -6.28
CA TYR A 28 0.15 -2.89 -4.81
C TYR A 28 -1.07 -3.50 -4.12
N PHE A 29 -0.85 -4.48 -3.27
CA PHE A 29 -2.00 -5.12 -2.58
C PHE A 29 -1.80 -5.09 -1.07
N ASN A 30 -2.60 -4.33 -0.37
CA ASN A 30 -2.45 -4.27 1.11
C ASN A 30 -3.06 -5.51 1.75
N ARG A 31 -2.25 -6.46 2.12
CA ARG A 31 -2.78 -7.69 2.76
C ARG A 31 -3.50 -7.35 4.07
N PHE A 32 -3.32 -6.15 4.56
CA PHE A 32 -3.98 -5.76 5.83
C PHE A 32 -5.38 -5.20 5.54
N THR A 33 -5.47 -4.21 4.69
CA THR A 33 -6.80 -3.63 4.37
C THR A 33 -7.32 -4.20 3.05
N ASN A 34 -6.74 -5.27 2.59
CA ASN A 34 -7.19 -5.89 1.32
C ASN A 34 -7.18 -4.86 0.18
N GLN A 35 -6.50 -3.76 0.38
CA GLN A 35 -6.44 -2.73 -0.69
C GLN A 35 -5.77 -3.27 -1.96
N SER A 36 -6.02 -2.65 -3.08
CA SER A 36 -5.40 -3.13 -4.34
C SER A 36 -5.20 -1.94 -5.29
N LEU A 37 -4.11 -1.24 -5.15
CA LEU A 37 -3.86 -0.06 -6.02
C LEU A 37 -3.09 -0.47 -7.28
N TRP A 38 -2.51 0.48 -7.95
CA TRP A 38 -1.72 0.17 -9.18
C TRP A 38 -0.42 0.98 -9.18
N GLU A 39 -0.17 1.70 -8.12
CA GLU A 39 1.08 2.51 -8.04
C GLU A 39 1.47 2.70 -6.58
N MET A 40 2.74 2.81 -6.30
CA MET A 40 3.18 2.98 -4.88
C MET A 40 2.26 3.97 -4.16
N PRO A 41 1.75 3.54 -3.04
CA PRO A 41 0.82 4.38 -2.25
C PRO A 41 1.62 5.33 -1.34
N VAL A 42 0.93 6.11 -0.55
CA VAL A 42 1.63 7.06 0.36
C VAL A 42 1.07 6.93 1.78
N LEU A 43 1.66 7.60 2.72
CA LEU A 43 1.17 7.52 4.13
C LEU A 43 1.32 8.86 4.84
N GLY A 44 1.23 8.87 6.14
CA GLY A 44 1.37 10.15 6.89
C GLY A 44 -0.02 10.77 7.09
N GLN A 45 -1.04 9.96 7.09
CA GLN A 45 -2.42 10.51 7.27
C GLN A 45 -2.47 11.41 8.52
N HIS A 46 -3.35 12.37 8.52
CA HIS A 46 -3.44 13.28 9.70
C HIS A 46 -4.87 13.84 9.81
N ASP A 47 -5.80 13.04 10.28
CA ASP A 47 -7.19 13.52 10.41
C ASP A 47 -7.64 13.46 11.88
N VAL A 48 -8.92 13.58 12.12
CA VAL A 48 -9.41 13.53 13.53
C VAL A 48 -10.39 12.38 13.71
N ILE A 49 -10.04 11.21 13.23
CA ILE A 49 -10.95 10.04 13.38
C ILE A 49 -11.26 9.78 14.85
N SER A 50 -12.04 8.79 15.14
CA SER A 50 -12.38 8.49 16.56
C SER A 50 -12.60 6.98 16.75
N ASP A 51 -13.14 6.59 17.87
CA ASP A 51 -13.37 5.13 18.11
C ASP A 51 -14.74 4.92 18.77
N PRO A 52 -15.44 3.93 18.28
CA PRO A 52 -16.79 3.63 18.83
C PRO A 52 -16.67 2.97 20.20
N LEU A 6 8.58 0.37 -1.97
CA LEU A 6 7.92 -0.02 -0.68
C LEU A 6 8.89 0.20 0.48
N PRO A 7 8.95 1.43 0.93
CA PRO A 7 9.84 1.78 2.06
C PRO A 7 9.27 1.25 3.38
N GLU A 8 10.04 1.29 4.42
CA GLU A 8 9.55 0.79 5.74
C GLU A 8 8.18 1.42 6.06
N GLU A 9 7.93 2.59 5.57
CA GLU A 9 6.62 3.25 5.85
C GLU A 9 5.47 2.38 5.35
N LEU A 10 5.60 1.83 4.18
CA LEU A 10 4.52 0.96 3.64
C LEU A 10 4.58 -0.43 4.27
N VAL A 11 5.77 -0.93 4.49
CA VAL A 11 5.91 -2.28 5.10
C VAL A 11 5.19 -2.32 6.45
N HIS A 12 5.23 -1.24 7.18
CA HIS A 12 4.55 -1.21 8.51
C HIS A 12 3.04 -1.35 8.33
N ALA A 13 2.48 -0.69 7.36
CA ALA A 13 1.01 -0.79 7.13
C ALA A 13 0.63 -2.20 6.70
N GLY A 14 1.14 -2.64 5.58
CA GLY A 14 0.82 -4.02 5.10
C GLY A 14 0.77 -4.03 3.57
N TRP A 15 1.56 -3.22 2.92
CA TRP A 15 1.54 -3.22 1.42
C TRP A 15 2.56 -4.20 0.86
N GLU A 16 2.41 -4.59 -0.37
CA GLU A 16 3.38 -5.54 -0.99
C GLU A 16 3.25 -5.51 -2.51
N LYS A 17 4.35 -5.44 -3.20
CA LYS A 17 4.30 -5.40 -4.69
C LYS A 17 4.00 -6.79 -5.25
N CYS A 18 3.02 -6.89 -6.12
CA CYS A 18 2.70 -8.24 -6.69
C CYS A 18 2.33 -8.10 -8.18
N TRP A 19 2.00 -9.19 -8.82
CA TRP A 19 1.63 -9.14 -10.26
C TRP A 19 0.20 -9.62 -10.46
N SER A 20 -0.71 -8.73 -10.74
CA SER A 20 -2.13 -9.15 -10.94
C SER A 20 -2.28 -9.85 -12.30
N ARG A 21 -2.81 -11.05 -12.30
CA ARG A 21 -2.98 -11.78 -13.59
C ARG A 21 -4.09 -11.15 -14.44
N ARG A 22 -5.12 -10.65 -13.81
CA ARG A 22 -6.23 -10.02 -14.58
C ARG A 22 -5.75 -8.74 -15.26
N GLU A 23 -5.04 -7.91 -14.56
CA GLU A 23 -4.54 -6.65 -15.16
C GLU A 23 -3.28 -6.91 -15.98
N ASN A 24 -2.71 -8.07 -15.85
CA ASN A 24 -1.47 -8.40 -16.61
C ASN A 24 -0.35 -7.41 -16.29
N ARG A 25 -0.13 -7.15 -15.02
CA ARG A 25 0.95 -6.20 -14.63
C ARG A 25 1.07 -6.17 -13.11
N PRO A 26 2.09 -5.50 -12.65
CA PRO A 26 2.35 -5.39 -11.20
C PRO A 26 1.56 -4.23 -10.60
N TYR A 27 1.48 -4.18 -9.30
CA TYR A 27 0.73 -3.08 -8.63
C TYR A 27 0.98 -3.12 -7.13
N TYR A 28 -0.02 -2.84 -6.34
CA TYR A 28 0.17 -2.87 -4.86
C TYR A 28 -1.06 -3.51 -4.20
N PHE A 29 -0.85 -4.46 -3.33
CA PHE A 29 -2.01 -5.11 -2.65
C PHE A 29 -1.79 -5.10 -1.13
N ASN A 30 -2.55 -4.32 -0.43
CA ASN A 30 -2.38 -4.28 1.06
C ASN A 30 -3.02 -5.49 1.71
N ARG A 31 -2.23 -6.39 2.24
CA ARG A 31 -2.80 -7.60 2.90
C ARG A 31 -3.53 -7.19 4.17
N PHE A 32 -3.41 -5.96 4.58
CA PHE A 32 -4.09 -5.50 5.82
C PHE A 32 -5.52 -5.05 5.51
N THR A 33 -5.70 -4.28 4.47
CA THR A 33 -7.07 -3.81 4.11
C THR A 33 -7.52 -4.46 2.80
N ASN A 34 -6.79 -5.45 2.34
CA ASN A 34 -7.18 -6.13 1.07
C ASN A 34 -7.24 -5.11 -0.08
N GLN A 35 -6.68 -3.95 0.11
CA GLN A 35 -6.72 -2.92 -0.97
C GLN A 35 -5.85 -3.36 -2.16
N SER A 36 -6.12 -2.83 -3.31
CA SER A 36 -5.31 -3.19 -4.51
C SER A 36 -5.11 -1.95 -5.38
N LEU A 37 -4.05 -1.23 -5.18
CA LEU A 37 -3.82 0.00 -5.98
C LEU A 37 -3.03 -0.34 -7.26
N TRP A 38 -2.51 0.66 -7.90
CA TRP A 38 -1.73 0.44 -9.14
C TRP A 38 -0.48 1.33 -9.12
N GLU A 39 -0.27 2.01 -8.02
CA GLU A 39 0.93 2.90 -7.91
C GLU A 39 1.34 2.98 -6.43
N MET A 40 2.62 3.01 -6.15
CA MET A 40 3.06 3.08 -4.73
C MET A 40 2.15 4.02 -3.93
N PRO A 41 1.70 3.52 -2.81
CA PRO A 41 0.80 4.30 -1.94
C PRO A 41 1.60 5.29 -1.08
N VAL A 42 0.95 5.92 -0.13
CA VAL A 42 1.68 6.89 0.73
C VAL A 42 1.35 6.61 2.21
N LEU A 43 2.03 7.26 3.11
CA LEU A 43 1.75 7.04 4.56
C LEU A 43 2.35 8.18 5.40
N GLY A 44 2.49 7.97 6.68
CA GLY A 44 3.06 9.05 7.54
C GLY A 44 1.94 9.69 8.37
N GLN A 45 0.92 8.93 8.67
CA GLN A 45 -0.21 9.50 9.47
C GLN A 45 0.31 10.05 10.80
N HIS A 46 -0.23 11.15 11.25
CA HIS A 46 0.23 11.74 12.54
C HIS A 46 0.08 10.71 13.67
N ASP A 47 0.42 11.09 14.87
CA ASP A 47 0.31 10.13 16.02
C ASP A 47 0.31 10.90 17.34
N VAL A 48 0.64 10.23 18.41
CA VAL A 48 0.68 10.91 19.74
C VAL A 48 1.99 11.67 19.92
N ILE A 49 2.01 12.67 20.74
CA ILE A 49 3.27 13.44 20.96
C ILE A 49 4.36 12.52 21.49
N SER A 50 5.60 12.77 21.10
CA SER A 50 6.71 11.91 21.58
C SER A 50 7.62 12.71 22.51
N ASP A 51 7.13 13.77 23.08
CA ASP A 51 7.97 14.59 23.99
C ASP A 51 9.22 15.09 23.28
N PRO A 52 9.04 16.13 22.51
CA PRO A 52 10.17 16.71 21.75
C PRO A 52 11.10 17.48 22.69
N LEU A 6 9.29 0.87 -2.00
CA LEU A 6 8.49 0.34 -0.87
C LEU A 6 9.37 0.12 0.36
N PRO A 7 9.67 1.20 1.02
CA PRO A 7 10.53 1.14 2.24
C PRO A 7 9.75 0.54 3.40
N GLU A 8 10.42 0.25 4.50
CA GLU A 8 9.71 -0.34 5.68
C GLU A 8 8.48 0.49 6.02
N GLU A 9 8.43 1.72 5.59
CA GLU A 9 7.25 2.58 5.91
C GLU A 9 5.97 1.93 5.38
N LEU A 10 5.93 1.61 4.12
CA LEU A 10 4.72 0.99 3.54
C LEU A 10 4.58 -0.46 4.02
N VAL A 11 5.67 -1.18 4.07
CA VAL A 11 5.61 -2.59 4.54
C VAL A 11 4.88 -2.67 5.88
N HIS A 12 5.13 -1.72 6.75
CA HIS A 12 4.46 -1.74 8.08
C HIS A 12 2.95 -1.54 7.91
N ALA A 13 2.55 -0.71 6.97
CA ALA A 13 1.09 -0.48 6.76
C ALA A 13 0.41 -1.77 6.29
N GLY A 14 1.08 -2.54 5.50
CA GLY A 14 0.48 -3.82 5.01
C GLY A 14 0.47 -3.84 3.48
N TRP A 15 1.27 -3.03 2.86
CA TRP A 15 1.30 -3.03 1.36
C TRP A 15 2.33 -4.03 0.85
N GLU A 16 2.10 -4.59 -0.30
CA GLU A 16 3.07 -5.59 -0.85
C GLU A 16 3.12 -5.49 -2.38
N LYS A 17 4.29 -5.29 -2.93
CA LYS A 17 4.41 -5.19 -4.42
C LYS A 17 4.22 -6.56 -5.05
N CYS A 18 3.32 -6.69 -5.98
CA CYS A 18 3.09 -8.01 -6.65
C CYS A 18 2.69 -7.82 -8.11
N TRP A 19 2.42 -8.90 -8.80
CA TRP A 19 2.01 -8.80 -10.22
C TRP A 19 0.61 -9.38 -10.41
N SER A 20 -0.37 -8.54 -10.64
CA SER A 20 -1.76 -9.05 -10.83
C SER A 20 -1.90 -9.69 -12.21
N ARG A 21 -2.13 -10.98 -12.25
CA ARG A 21 -2.27 -11.67 -13.56
C ARG A 21 -3.50 -11.14 -14.32
N ARG A 22 -4.59 -10.97 -13.63
CA ARG A 22 -5.82 -10.45 -14.32
C ARG A 22 -5.51 -9.14 -15.05
N GLU A 23 -4.90 -8.22 -14.36
CA GLU A 23 -4.57 -6.91 -14.99
C GLU A 23 -3.30 -7.03 -15.85
N ASN A 24 -2.61 -8.12 -15.72
CA ASN A 24 -1.35 -8.32 -16.51
C ASN A 24 -0.35 -7.22 -16.19
N ARG A 25 -0.07 -6.98 -14.94
CA ARG A 25 0.91 -5.93 -14.57
C ARG A 25 1.09 -5.90 -13.05
N PRO A 26 2.02 -5.10 -12.61
CA PRO A 26 2.30 -5.00 -11.18
C PRO A 26 1.40 -3.92 -10.53
N TYR A 27 1.33 -3.92 -9.24
CA TYR A 27 0.48 -2.92 -8.54
C TYR A 27 0.76 -2.95 -7.03
N TYR A 28 -0.24 -2.74 -6.22
CA TYR A 28 -0.02 -2.78 -4.75
C TYR A 28 -1.21 -3.44 -4.06
N PHE A 29 -0.96 -4.44 -3.27
CA PHE A 29 -2.09 -5.13 -2.56
C PHE A 29 -1.90 -5.02 -1.05
N ASN A 30 -2.72 -4.25 -0.39
CA ASN A 30 -2.57 -4.11 1.08
C ASN A 30 -3.17 -5.32 1.79
N ARG A 31 -2.35 -6.24 2.20
CA ARG A 31 -2.87 -7.45 2.90
C ARG A 31 -3.61 -7.04 4.17
N PHE A 32 -3.44 -5.82 4.59
CA PHE A 32 -4.13 -5.34 5.83
C PHE A 32 -5.61 -5.06 5.54
N THR A 33 -5.89 -4.10 4.69
CA THR A 33 -7.30 -3.78 4.36
C THR A 33 -7.70 -4.43 3.03
N ASN A 34 -6.92 -5.37 2.57
CA ASN A 34 -7.25 -6.05 1.28
C ASN A 34 -7.31 -5.02 0.14
N GLN A 35 -6.73 -3.86 0.32
CA GLN A 35 -6.77 -2.84 -0.76
C GLN A 35 -6.03 -3.34 -1.99
N SER A 36 -6.35 -2.80 -3.13
CA SER A 36 -5.65 -3.23 -4.39
C SER A 36 -5.47 -2.01 -5.31
N LEU A 37 -4.39 -1.29 -5.14
CA LEU A 37 -4.17 -0.09 -5.99
C LEU A 37 -3.38 -0.46 -7.24
N TRP A 38 -2.82 0.52 -7.89
CA TRP A 38 -2.02 0.25 -9.13
C TRP A 38 -0.75 1.11 -9.11
N GLU A 39 -0.53 1.83 -8.04
CA GLU A 39 0.69 2.67 -7.94
C GLU A 39 1.07 2.85 -6.47
N MET A 40 2.34 2.96 -6.18
CA MET A 40 2.78 3.13 -4.77
C MET A 40 1.82 4.09 -4.03
N PRO A 41 1.36 3.64 -2.89
CA PRO A 41 0.44 4.47 -2.08
C PRO A 41 1.20 5.53 -1.29
N VAL A 42 0.57 6.15 -0.33
CA VAL A 42 1.27 7.19 0.48
C VAL A 42 1.28 6.80 1.95
N LEU A 43 1.94 7.56 2.77
CA LEU A 43 1.99 7.22 4.23
C LEU A 43 2.03 8.50 5.07
N GLY A 44 1.53 8.45 6.26
CA GLY A 44 1.53 9.66 7.13
C GLY A 44 0.71 9.39 8.40
N GLN A 45 1.36 8.92 9.44
CA GLN A 45 0.63 8.64 10.70
C GLN A 45 -0.05 9.91 11.22
N HIS A 46 -0.61 9.86 12.41
CA HIS A 46 -1.29 11.06 12.96
C HIS A 46 -2.26 11.65 11.92
N ASP A 47 -3.01 10.81 11.26
CA ASP A 47 -3.97 11.32 10.24
C ASP A 47 -5.39 11.32 10.80
N VAL A 48 -6.38 11.40 9.95
CA VAL A 48 -7.78 11.41 10.43
C VAL A 48 -8.05 10.19 11.34
N ILE A 49 -8.48 10.43 12.56
CA ILE A 49 -8.75 9.29 13.48
C ILE A 49 -10.18 8.79 13.28
N SER A 50 -10.59 7.81 14.05
CA SER A 50 -11.96 7.28 13.91
C SER A 50 -12.59 7.05 15.29
N ASP A 51 -13.35 7.98 15.77
CA ASP A 51 -13.99 7.81 17.11
C ASP A 51 -14.86 6.55 17.12
N PRO A 52 -14.49 5.63 17.98
CA PRO A 52 -15.25 4.36 18.10
C PRO A 52 -16.60 4.60 18.79
N LEU A 6 9.23 0.17 -1.65
CA LEU A 6 8.36 0.24 -0.44
C LEU A 6 9.21 0.26 0.83
N PRO A 7 9.33 1.41 1.41
CA PRO A 7 10.13 1.57 2.66
C PRO A 7 9.40 0.95 3.85
N GLU A 8 10.07 0.82 4.97
CA GLU A 8 9.40 0.23 6.16
C GLU A 8 8.07 0.92 6.42
N GLU A 9 7.93 2.15 6.01
CA GLU A 9 6.65 2.88 6.23
C GLU A 9 5.48 2.13 5.59
N LEU A 10 5.61 1.77 4.35
CA LEU A 10 4.51 1.04 3.66
C LEU A 10 4.51 -0.44 4.08
N VAL A 11 5.66 -1.04 4.13
CA VAL A 11 5.73 -2.48 4.52
C VAL A 11 4.99 -2.70 5.84
N HIS A 12 5.08 -1.76 6.74
CA HIS A 12 4.38 -1.91 8.04
C HIS A 12 2.87 -1.91 7.83
N ALA A 13 2.38 -1.08 6.95
CA ALA A 13 0.92 -1.05 6.70
C ALA A 13 0.45 -2.37 6.09
N GLY A 14 1.32 -3.04 5.37
CA GLY A 14 0.93 -4.34 4.76
C GLY A 14 0.94 -4.22 3.23
N TRP A 15 1.48 -3.16 2.71
CA TRP A 15 1.52 -3.00 1.22
C TRP A 15 2.56 -3.95 0.61
N GLU A 16 2.41 -4.28 -0.64
CA GLU A 16 3.38 -5.19 -1.29
C GLU A 16 3.27 -5.10 -2.81
N LYS A 17 4.34 -4.82 -3.49
CA LYS A 17 4.28 -4.72 -4.97
C LYS A 17 4.26 -6.11 -5.60
N CYS A 18 3.16 -6.50 -6.17
CA CYS A 18 3.06 -7.86 -6.79
C CYS A 18 2.55 -7.76 -8.23
N TRP A 19 2.41 -8.87 -8.89
CA TRP A 19 1.92 -8.85 -10.30
C TRP A 19 0.51 -9.47 -10.36
N SER A 20 -0.49 -8.67 -10.56
CA SER A 20 -1.88 -9.20 -10.63
C SER A 20 -2.09 -9.94 -11.96
N ARG A 21 -2.28 -11.23 -11.92
CA ARG A 21 -2.49 -12.00 -13.17
C ARG A 21 -3.76 -11.52 -13.89
N ARG A 22 -4.80 -11.28 -13.16
CA ARG A 22 -6.07 -10.81 -13.80
C ARG A 22 -5.83 -9.52 -14.58
N GLU A 23 -5.19 -8.57 -13.98
CA GLU A 23 -4.93 -7.28 -14.68
C GLU A 23 -3.72 -7.41 -15.61
N ASN A 24 -2.98 -8.48 -15.47
CA ASN A 24 -1.78 -8.69 -16.34
C ASN A 24 -0.77 -7.56 -16.14
N ARG A 25 -0.48 -7.21 -14.91
CA ARG A 25 0.50 -6.13 -14.66
C ARG A 25 0.78 -6.05 -13.16
N PRO A 26 1.76 -5.25 -12.81
CA PRO A 26 2.14 -5.08 -11.41
C PRO A 26 1.32 -3.98 -10.74
N TYR A 27 1.38 -3.89 -9.44
CA TYR A 27 0.59 -2.84 -8.72
C TYR A 27 0.89 -2.91 -7.22
N TYR A 28 -0.04 -2.52 -6.40
CA TYR A 28 0.19 -2.58 -4.93
C TYR A 28 -1.01 -3.21 -4.24
N PHE A 29 -0.80 -4.23 -3.46
CA PHE A 29 -1.95 -4.87 -2.77
C PHE A 29 -1.77 -4.81 -1.25
N ASN A 30 -2.64 -4.10 -0.58
CA ASN A 30 -2.52 -4.01 0.90
C ASN A 30 -3.08 -5.27 1.55
N ARG A 31 -2.24 -6.18 1.96
CA ARG A 31 -2.73 -7.42 2.61
C ARG A 31 -3.44 -7.08 3.93
N PHE A 32 -3.32 -5.86 4.37
CA PHE A 32 -3.97 -5.46 5.64
C PHE A 32 -5.40 -4.99 5.38
N THR A 33 -5.59 -4.13 4.41
CA THR A 33 -6.96 -3.63 4.11
C THR A 33 -7.45 -4.21 2.79
N ASN A 34 -6.81 -5.25 2.31
CA ASN A 34 -7.23 -5.87 1.03
C ASN A 34 -7.26 -4.82 -0.09
N GLN A 35 -6.64 -3.70 0.11
CA GLN A 35 -6.64 -2.64 -0.94
C GLN A 35 -5.90 -3.14 -2.19
N SER A 36 -6.18 -2.53 -3.31
CA SER A 36 -5.49 -2.95 -4.57
C SER A 36 -5.27 -1.72 -5.46
N LEU A 37 -4.19 -1.03 -5.25
CA LEU A 37 -3.91 0.20 -6.07
C LEU A 37 -3.12 -0.17 -7.33
N TRP A 38 -2.51 0.81 -7.93
CA TRP A 38 -1.71 0.55 -9.16
C TRP A 38 -0.40 1.35 -9.10
N GLU A 39 -0.17 2.02 -8.00
CA GLU A 39 1.08 2.82 -7.87
C GLU A 39 1.44 2.96 -6.38
N MET A 40 2.70 3.00 -6.07
CA MET A 40 3.13 3.14 -4.64
C MET A 40 2.20 4.09 -3.89
N PRO A 41 1.58 3.57 -2.87
CA PRO A 41 0.64 4.38 -2.06
C PRO A 41 1.43 5.30 -1.11
N VAL A 42 0.74 5.95 -0.20
CA VAL A 42 1.45 6.85 0.75
C VAL A 42 1.13 6.44 2.20
N LEU A 43 1.79 7.04 3.16
CA LEU A 43 1.53 6.68 4.57
C LEU A 43 2.18 7.71 5.51
N GLY A 44 1.71 7.81 6.72
CA GLY A 44 2.31 8.78 7.67
C GLY A 44 1.24 9.79 8.11
N GLN A 45 0.26 10.02 7.28
CA GLN A 45 -0.81 10.99 7.64
C GLN A 45 -1.73 10.40 8.71
N HIS A 46 -1.67 10.90 9.91
CA HIS A 46 -2.53 10.36 11.00
C HIS A 46 -4.01 10.62 10.67
N ASP A 47 -4.30 11.76 10.10
CA ASP A 47 -5.71 12.07 9.76
C ASP A 47 -5.83 12.41 8.27
N VAL A 48 -6.85 13.15 7.91
CA VAL A 48 -7.04 13.51 6.48
C VAL A 48 -6.47 14.92 6.23
N ILE A 49 -6.15 15.22 5.00
CA ILE A 49 -5.60 16.57 4.69
C ILE A 49 -6.72 17.62 4.69
N SER A 50 -6.86 18.34 5.78
CA SER A 50 -7.93 19.38 5.84
C SER A 50 -7.35 20.76 5.50
N ASP A 51 -6.62 20.85 4.42
CA ASP A 51 -6.02 22.16 4.04
C ASP A 51 -5.15 22.69 5.17
N PRO A 52 -4.25 23.58 4.82
CA PRO A 52 -3.33 24.18 5.81
C PRO A 52 -4.08 25.17 6.71
N LEU A 6 8.59 0.05 -2.14
CA LEU A 6 7.85 -0.01 -0.85
C LEU A 6 8.84 0.04 0.32
N PRO A 7 9.04 1.22 0.83
CA PRO A 7 9.98 1.42 1.97
C PRO A 7 9.37 0.87 3.25
N GLU A 8 10.14 0.78 4.30
CA GLU A 8 9.60 0.26 5.59
C GLU A 8 8.29 0.95 5.95
N GLU A 9 8.11 2.17 5.52
CA GLU A 9 6.86 2.90 5.85
C GLU A 9 5.63 2.14 5.33
N LEU A 10 5.62 1.82 4.07
CA LEU A 10 4.45 1.07 3.51
C LEU A 10 4.47 -0.38 3.98
N VAL A 11 5.63 -0.97 4.06
CA VAL A 11 5.71 -2.39 4.51
C VAL A 11 5.05 -2.53 5.88
N HIS A 12 5.19 -1.55 6.72
CA HIS A 12 4.57 -1.61 8.08
C HIS A 12 3.05 -1.64 7.95
N ALA A 13 2.51 -0.87 7.05
CA ALA A 13 1.03 -0.84 6.87
C ALA A 13 0.54 -2.21 6.37
N GLY A 14 1.35 -2.90 5.61
CA GLY A 14 0.94 -4.22 5.09
C GLY A 14 0.88 -4.19 3.56
N TRP A 15 1.55 -3.26 2.96
CA TRP A 15 1.54 -3.17 1.47
C TRP A 15 2.58 -4.13 0.87
N GLU A 16 2.24 -4.78 -0.22
CA GLU A 16 3.21 -5.73 -0.85
C GLU A 16 3.14 -5.60 -2.38
N LYS A 17 4.25 -5.34 -3.01
CA LYS A 17 4.25 -5.23 -4.50
C LYS A 17 4.09 -6.61 -5.14
N CYS A 18 3.14 -6.76 -6.01
CA CYS A 18 2.93 -8.09 -6.66
C CYS A 18 2.54 -7.92 -8.13
N TRP A 19 2.32 -9.01 -8.82
CA TRP A 19 1.94 -8.92 -10.26
C TRP A 19 0.54 -9.49 -10.47
N SER A 20 -0.43 -8.65 -10.72
CA SER A 20 -1.82 -9.15 -10.93
C SER A 20 -1.92 -9.82 -12.30
N ARG A 21 -2.48 -11.00 -12.36
CA ARG A 21 -2.61 -11.71 -13.67
C ARG A 21 -3.73 -11.08 -14.51
N ARG A 22 -4.86 -10.82 -13.91
CA ARG A 22 -5.98 -10.21 -14.67
C ARG A 22 -5.53 -8.90 -15.35
N GLU A 23 -4.87 -8.06 -14.61
CA GLU A 23 -4.39 -6.77 -15.19
C GLU A 23 -3.10 -6.98 -15.99
N ASN A 24 -2.48 -8.11 -15.83
CA ASN A 24 -1.22 -8.38 -16.58
C ASN A 24 -0.17 -7.32 -16.24
N ARG A 25 -0.02 -6.99 -14.99
CA ARG A 25 0.98 -5.97 -14.59
C ARG A 25 1.12 -5.96 -13.08
N PRO A 26 2.09 -5.21 -12.61
CA PRO A 26 2.34 -5.12 -11.17
C PRO A 26 1.49 -4.03 -10.52
N TYR A 27 1.36 -4.07 -9.22
CA TYR A 27 0.55 -3.05 -8.51
C TYR A 27 0.83 -3.11 -7.02
N TYR A 28 -0.12 -2.77 -6.20
CA TYR A 28 0.10 -2.83 -4.72
C TYR A 28 -1.08 -3.49 -4.04
N PHE A 29 -0.83 -4.47 -3.20
CA PHE A 29 -1.95 -5.15 -2.50
C PHE A 29 -1.78 -5.03 -0.99
N ASN A 30 -2.61 -4.25 -0.35
CA ASN A 30 -2.50 -4.10 1.14
C ASN A 30 -3.13 -5.29 1.84
N ARG A 31 -2.34 -6.21 2.31
CA ARG A 31 -2.90 -7.39 3.02
C ARG A 31 -3.61 -6.95 4.29
N PHE A 32 -3.38 -5.74 4.72
CA PHE A 32 -4.05 -5.24 5.96
C PHE A 32 -5.48 -4.78 5.65
N THR A 33 -5.61 -3.84 4.76
CA THR A 33 -6.97 -3.35 4.40
C THR A 33 -7.47 -4.05 3.13
N ASN A 34 -6.78 -5.08 2.72
CA ASN A 34 -7.20 -5.82 1.49
C ASN A 34 -7.34 -4.87 0.31
N GLN A 35 -6.73 -3.72 0.36
CA GLN A 35 -6.83 -2.74 -0.76
C GLN A 35 -6.03 -3.25 -1.97
N SER A 36 -6.35 -2.75 -3.14
CA SER A 36 -5.60 -3.16 -4.36
C SER A 36 -5.37 -1.94 -5.25
N LEU A 37 -4.26 -1.29 -5.08
CA LEU A 37 -3.97 -0.08 -5.90
C LEU A 37 -3.22 -0.46 -7.17
N TRP A 38 -2.66 0.52 -7.83
CA TRP A 38 -1.89 0.25 -9.07
C TRP A 38 -0.61 1.09 -9.08
N GLU A 39 -0.37 1.81 -8.01
CA GLU A 39 0.86 2.66 -7.93
C GLU A 39 1.25 2.85 -6.47
N MET A 40 2.53 2.91 -6.19
CA MET A 40 2.98 3.10 -4.78
C MET A 40 2.08 4.11 -4.07
N PRO A 41 1.51 3.66 -2.97
CA PRO A 41 0.61 4.52 -2.19
C PRO A 41 1.41 5.44 -1.26
N VAL A 42 0.80 6.00 -0.26
CA VAL A 42 1.54 6.89 0.67
C VAL A 42 1.17 6.55 2.12
N LEU A 43 1.80 7.21 3.06
CA LEU A 43 1.49 6.91 4.50
C LEU A 43 1.61 8.18 5.34
N GLY A 44 0.87 8.27 6.41
CA GLY A 44 0.95 9.49 7.27
C GLY A 44 -0.44 9.79 7.86
N GLN A 45 -0.74 9.17 8.97
CA GLN A 45 -2.08 9.42 9.60
C GLN A 45 -1.96 10.50 10.67
N HIS A 46 -1.22 11.54 10.40
CA HIS A 46 -1.07 12.64 11.41
C HIS A 46 -0.57 13.91 10.73
N ASP A 47 -0.97 15.06 11.22
CA ASP A 47 -0.52 16.33 10.60
C ASP A 47 0.73 16.86 11.34
N VAL A 48 1.14 18.06 11.04
CA VAL A 48 2.34 18.62 11.72
C VAL A 48 2.01 18.99 13.16
N ILE A 49 2.98 19.01 14.03
CA ILE A 49 2.72 19.37 15.46
C ILE A 49 1.52 18.57 15.98
N SER A 50 1.71 17.32 16.27
CA SER A 50 0.58 16.49 16.80
C SER A 50 1.07 15.56 17.90
N ASP A 51 1.10 16.02 19.11
CA ASP A 51 1.58 15.15 20.23
C ASP A 51 3.05 14.77 20.02
N PRO A 52 3.85 15.76 19.79
CA PRO A 52 5.30 15.53 19.56
C PRO A 52 6.00 15.15 20.87
N LEU A 6 8.55 0.94 -1.68
CA LEU A 6 7.87 0.43 -0.45
C LEU A 6 8.80 0.55 0.76
N PRO A 7 8.87 1.74 1.28
CA PRO A 7 9.74 2.01 2.45
C PRO A 7 9.12 1.40 3.72
N GLU A 8 9.86 1.39 4.80
CA GLU A 8 9.33 0.81 6.06
C GLU A 8 7.94 1.37 6.38
N GLU A 9 7.70 2.61 6.03
CA GLU A 9 6.36 3.22 6.30
C GLU A 9 5.25 2.40 5.65
N LEU A 10 5.43 2.04 4.41
CA LEU A 10 4.39 1.25 3.70
C LEU A 10 4.39 -0.20 4.21
N VAL A 11 5.55 -0.72 4.49
CA VAL A 11 5.64 -2.13 4.98
C VAL A 11 4.85 -2.28 6.29
N HIS A 12 4.82 -1.24 7.09
CA HIS A 12 4.07 -1.32 8.37
C HIS A 12 2.57 -1.49 8.10
N ALA A 13 2.06 -0.77 7.14
CA ALA A 13 0.60 -0.88 6.81
C ALA A 13 0.29 -2.29 6.29
N GLY A 14 1.18 -2.86 5.53
CA GLY A 14 0.95 -4.23 4.98
C GLY A 14 0.86 -4.17 3.46
N TRP A 15 1.65 -3.33 2.84
CA TRP A 15 1.61 -3.24 1.35
C TRP A 15 2.61 -4.21 0.73
N GLU A 16 2.43 -4.54 -0.52
CA GLU A 16 3.37 -5.48 -1.19
C GLU A 16 3.23 -5.39 -2.71
N LYS A 17 4.32 -5.37 -3.42
CA LYS A 17 4.24 -5.28 -4.91
C LYS A 17 4.08 -6.69 -5.51
N CYS A 18 3.20 -6.84 -6.46
CA CYS A 18 3.01 -8.19 -7.07
C CYS A 18 2.52 -8.05 -8.52
N TRP A 19 2.27 -9.16 -9.17
CA TRP A 19 1.78 -9.09 -10.58
C TRP A 19 0.34 -9.62 -10.67
N SER A 20 -0.61 -8.74 -10.80
CA SER A 20 -2.03 -9.19 -10.88
C SER A 20 -2.30 -9.84 -12.25
N ARG A 21 -2.75 -11.06 -12.26
CA ARG A 21 -3.03 -11.74 -13.56
C ARG A 21 -4.25 -11.12 -14.23
N ARG A 22 -5.21 -10.68 -13.46
CA ARG A 22 -6.43 -10.07 -14.06
C ARG A 22 -6.06 -8.81 -14.85
N GLU A 23 -5.32 -7.93 -14.23
CA GLU A 23 -4.91 -6.67 -14.93
C GLU A 23 -3.71 -6.93 -15.84
N ASN A 24 -3.10 -8.08 -15.70
CA ASN A 24 -1.92 -8.41 -16.54
C ASN A 24 -0.80 -7.39 -16.32
N ARG A 25 -0.46 -7.13 -15.08
CA ARG A 25 0.63 -6.15 -14.78
C ARG A 25 0.88 -6.12 -13.27
N PRO A 26 1.90 -5.40 -12.89
CA PRO A 26 2.26 -5.30 -11.46
C PRO A 26 1.46 -4.19 -10.78
N TYR A 27 1.48 -4.17 -9.48
CA TYR A 27 0.71 -3.13 -8.74
C TYR A 27 0.98 -3.25 -7.24
N TYR A 28 0.06 -2.83 -6.42
CA TYR A 28 0.27 -2.93 -4.94
C TYR A 28 -0.96 -3.55 -4.28
N PHE A 29 -0.76 -4.43 -3.34
CA PHE A 29 -1.93 -5.07 -2.66
C PHE A 29 -1.72 -5.05 -1.15
N ASN A 30 -2.53 -4.31 -0.44
CA ASN A 30 -2.37 -4.25 1.04
C ASN A 30 -2.97 -5.50 1.68
N ARG A 31 -2.13 -6.43 2.08
CA ARG A 31 -2.66 -7.68 2.71
C ARG A 31 -3.39 -7.34 4.01
N PHE A 32 -3.24 -6.13 4.48
CA PHE A 32 -3.93 -5.74 5.75
C PHE A 32 -5.35 -5.26 5.46
N THR A 33 -5.49 -4.28 4.60
CA THR A 33 -6.85 -3.76 4.27
C THR A 33 -7.33 -4.36 2.94
N ASN A 34 -6.67 -5.39 2.48
CA ASN A 34 -7.09 -6.02 1.19
C ASN A 34 -7.11 -4.97 0.06
N GLN A 35 -6.47 -3.85 0.28
CA GLN A 35 -6.45 -2.79 -0.78
C GLN A 35 -5.74 -3.31 -2.03
N SER A 36 -5.98 -2.68 -3.15
CA SER A 36 -5.30 -3.11 -4.42
C SER A 36 -5.08 -1.89 -5.31
N LEU A 37 -3.96 -1.24 -5.15
CA LEU A 37 -3.68 -0.03 -5.98
C LEU A 37 -2.92 -0.41 -7.25
N TRP A 38 -2.29 0.56 -7.86
CA TRP A 38 -1.51 0.28 -9.11
C TRP A 38 -0.19 1.04 -9.06
N GLU A 39 0.09 1.70 -7.97
CA GLU A 39 1.37 2.47 -7.87
C GLU A 39 1.76 2.59 -6.39
N MET A 40 3.03 2.68 -6.12
CA MET A 40 3.47 2.80 -4.70
C MET A 40 2.56 3.76 -3.93
N PRO A 41 2.07 3.29 -2.81
CA PRO A 41 1.16 4.11 -1.98
C PRO A 41 1.96 5.06 -1.09
N VAL A 42 1.29 5.82 -0.27
CA VAL A 42 2.01 6.77 0.64
C VAL A 42 1.50 6.61 2.07
N LEU A 43 2.08 7.33 2.99
CA LEU A 43 1.64 7.21 4.41
C LEU A 43 1.98 8.50 5.19
N GLY A 44 1.48 8.62 6.39
CA GLY A 44 1.78 9.84 7.18
C GLY A 44 0.51 10.29 7.91
N GLN A 45 -0.64 9.93 7.41
CA GLN A 45 -1.90 10.33 8.09
C GLN A 45 -2.07 9.58 9.41
N HIS A 46 -2.25 10.30 10.49
CA HIS A 46 -2.42 9.63 11.81
C HIS A 46 -3.88 9.29 12.06
N ASP A 47 -4.24 8.04 11.98
CA ASP A 47 -5.66 7.65 12.20
C ASP A 47 -5.98 7.69 13.70
N VAL A 48 -7.08 7.10 14.09
CA VAL A 48 -7.46 7.12 15.54
C VAL A 48 -6.47 6.27 16.35
N ILE A 49 -6.15 6.69 17.54
CA ILE A 49 -5.21 5.90 18.39
C ILE A 49 -5.73 4.48 18.57
N SER A 50 -4.84 3.52 18.65
CA SER A 50 -5.28 2.11 18.84
C SER A 50 -5.41 1.79 20.33
N ASP A 51 -6.38 0.98 20.69
CA ASP A 51 -6.55 0.64 22.13
C ASP A 51 -6.60 1.91 22.98
N PRO A 52 -7.58 2.72 22.69
CA PRO A 52 -7.76 3.99 23.43
C PRO A 52 -8.29 3.73 24.85
N LEU A 6 9.09 0.52 -1.64
CA LEU A 6 8.27 0.33 -0.41
C LEU A 6 9.12 0.57 0.84
N PRO A 7 9.06 1.80 1.31
CA PRO A 7 9.84 2.18 2.51
C PRO A 7 9.23 1.56 3.78
N GLU A 8 9.95 1.60 4.87
CA GLU A 8 9.41 1.02 6.14
C GLU A 8 8.01 1.57 6.41
N GLU A 9 7.72 2.76 5.96
CA GLU A 9 6.37 3.34 6.20
C GLU A 9 5.28 2.43 5.62
N LEU A 10 5.47 1.98 4.42
CA LEU A 10 4.45 1.09 3.79
C LEU A 10 4.55 -0.32 4.39
N VAL A 11 5.73 -0.81 4.60
CA VAL A 11 5.90 -2.17 5.17
C VAL A 11 5.17 -2.25 6.52
N HIS A 12 5.11 -1.15 7.23
CA HIS A 12 4.40 -1.16 8.55
C HIS A 12 2.92 -1.44 8.34
N ALA A 13 2.32 -0.82 7.36
CA ALA A 13 0.87 -1.05 7.09
C ALA A 13 0.65 -2.49 6.63
N GLY A 14 1.08 -2.80 5.44
CA GLY A 14 0.89 -4.19 4.92
C GLY A 14 0.82 -4.15 3.39
N TRP A 15 1.61 -3.33 2.77
CA TRP A 15 1.56 -3.25 1.28
C TRP A 15 2.58 -4.21 0.67
N GLU A 16 2.40 -4.58 -0.58
CA GLU A 16 3.35 -5.52 -1.23
C GLU A 16 3.17 -5.48 -2.75
N LYS A 17 4.23 -5.22 -3.47
CA LYS A 17 4.12 -5.17 -4.96
C LYS A 17 4.00 -6.58 -5.54
N CYS A 18 3.03 -6.79 -6.39
CA CYS A 18 2.85 -8.14 -6.99
C CYS A 18 2.36 -8.02 -8.43
N TRP A 19 2.22 -9.13 -9.12
CA TRP A 19 1.74 -9.09 -10.52
C TRP A 19 0.31 -9.61 -10.62
N SER A 20 -0.65 -8.74 -10.76
CA SER A 20 -2.08 -9.18 -10.86
C SER A 20 -2.33 -9.85 -12.22
N ARG A 21 -2.65 -11.11 -12.23
CA ARG A 21 -2.90 -11.81 -13.52
C ARG A 21 -4.14 -11.23 -14.20
N ARG A 22 -5.04 -10.67 -13.45
CA ARG A 22 -6.28 -10.10 -14.07
C ARG A 22 -5.92 -8.88 -14.92
N GLU A 23 -5.25 -7.93 -14.36
CA GLU A 23 -4.87 -6.71 -15.14
C GLU A 23 -3.62 -7.00 -15.98
N ASN A 24 -3.00 -8.12 -15.76
CA ASN A 24 -1.78 -8.47 -16.54
C ASN A 24 -0.68 -7.43 -16.30
N ARG A 25 -0.39 -7.16 -15.06
CA ARG A 25 0.68 -6.16 -14.74
C ARG A 25 0.91 -6.14 -13.24
N PRO A 26 1.91 -5.40 -12.83
CA PRO A 26 2.26 -5.30 -11.40
C PRO A 26 1.45 -4.19 -10.73
N TYR A 27 1.48 -4.15 -9.43
CA TYR A 27 0.71 -3.09 -8.70
C TYR A 27 0.99 -3.19 -7.20
N TYR A 28 0.04 -2.83 -6.38
CA TYR A 28 0.25 -2.90 -4.91
C TYR A 28 -0.97 -3.54 -4.23
N PHE A 29 -0.77 -4.55 -3.44
CA PHE A 29 -1.93 -5.20 -2.77
C PHE A 29 -1.75 -5.12 -1.25
N ASN A 30 -2.58 -4.36 -0.59
CA ASN A 30 -2.46 -4.24 0.90
C ASN A 30 -3.08 -5.47 1.58
N ARG A 31 -2.26 -6.37 2.03
CA ARG A 31 -2.80 -7.58 2.71
C ARG A 31 -3.50 -7.19 4.01
N PHE A 32 -3.34 -5.96 4.43
CA PHE A 32 -3.99 -5.51 5.69
C PHE A 32 -5.42 -5.04 5.39
N THR A 33 -5.57 -4.12 4.47
CA THR A 33 -6.93 -3.61 4.14
C THR A 33 -7.43 -4.28 2.85
N ASN A 34 -6.76 -5.31 2.41
CA ASN A 34 -7.18 -6.01 1.16
C ASN A 34 -7.27 -5.03 -0.01
N GLN A 35 -6.66 -3.87 0.12
CA GLN A 35 -6.71 -2.88 -0.99
C GLN A 35 -5.96 -3.39 -2.22
N SER A 36 -6.19 -2.78 -3.33
CA SER A 36 -5.49 -3.21 -4.59
C SER A 36 -5.23 -1.98 -5.46
N LEU A 37 -4.13 -1.31 -5.26
CA LEU A 37 -3.83 -0.09 -6.05
C LEU A 37 -3.05 -0.45 -7.31
N TRP A 38 -2.46 0.53 -7.93
CA TRP A 38 -1.66 0.27 -9.16
C TRP A 38 -0.37 1.08 -9.11
N GLU A 39 -0.13 1.76 -8.01
CA GLU A 39 1.11 2.58 -7.88
C GLU A 39 1.49 2.71 -6.41
N MET A 40 2.75 2.77 -6.12
CA MET A 40 3.18 2.88 -4.69
C MET A 40 2.28 3.85 -3.93
N PRO A 41 1.78 3.39 -2.81
CA PRO A 41 0.88 4.21 -1.99
C PRO A 41 1.68 5.22 -1.15
N VAL A 42 1.09 5.75 -0.12
CA VAL A 42 1.82 6.74 0.72
C VAL A 42 1.58 6.45 2.21
N LEU A 43 2.38 7.03 3.07
CA LEU A 43 2.19 6.78 4.53
C LEU A 43 2.75 7.95 5.33
N GLY A 44 2.30 8.13 6.54
CA GLY A 44 2.81 9.26 7.38
C GLY A 44 1.65 9.96 8.08
N GLN A 45 0.77 9.20 8.69
CA GLN A 45 -0.39 9.82 9.38
C GLN A 45 0.04 10.29 10.79
N HIS A 46 0.49 11.51 10.89
CA HIS A 46 0.91 12.04 12.23
C HIS A 46 1.73 10.97 12.98
N ASP A 47 2.55 10.23 12.27
CA ASP A 47 3.36 9.19 12.93
C ASP A 47 4.69 9.77 13.41
N VAL A 48 5.62 8.94 13.79
CA VAL A 48 6.94 9.44 14.27
C VAL A 48 6.76 10.37 15.47
N ILE A 49 7.69 10.34 16.39
CA ILE A 49 7.56 11.23 17.59
C ILE A 49 7.68 12.69 17.18
N SER A 50 6.75 13.51 17.58
CA SER A 50 6.81 14.95 17.20
C SER A 50 5.91 15.78 18.13
N ASP A 51 6.26 15.88 19.38
CA ASP A 51 5.44 16.67 20.34
C ASP A 51 5.93 18.12 20.38
N PRO A 52 5.04 19.02 20.06
CA PRO A 52 5.38 20.46 20.05
C PRO A 52 5.53 20.98 21.48
N LEU A 6 8.77 0.38 -1.67
CA LEU A 6 7.95 0.29 -0.42
C LEU A 6 8.83 0.53 0.81
N PRO A 7 8.78 1.74 1.29
CA PRO A 7 9.57 2.11 2.49
C PRO A 7 8.96 1.50 3.75
N GLU A 8 9.68 1.53 4.84
CA GLU A 8 9.14 0.96 6.10
C GLU A 8 7.72 1.48 6.38
N GLU A 9 7.46 2.71 6.00
CA GLU A 9 6.11 3.28 6.25
C GLU A 9 5.03 2.42 5.58
N LEU A 10 5.29 1.96 4.39
CA LEU A 10 4.28 1.13 3.68
C LEU A 10 4.34 -0.32 4.18
N VAL A 11 5.51 -0.81 4.44
CA VAL A 11 5.64 -2.21 4.94
C VAL A 11 4.83 -2.39 6.22
N HIS A 12 4.78 -1.38 7.04
CA HIS A 12 4.01 -1.48 8.31
C HIS A 12 2.52 -1.63 8.00
N ALA A 13 2.03 -0.93 7.02
CA ALA A 13 0.58 -1.03 6.67
C ALA A 13 0.28 -2.44 6.12
N GLY A 14 1.22 -3.02 5.43
CA GLY A 14 0.98 -4.39 4.87
C GLY A 14 0.92 -4.32 3.34
N TRP A 15 1.68 -3.44 2.74
CA TRP A 15 1.65 -3.33 1.25
C TRP A 15 2.71 -4.25 0.64
N GLU A 16 2.53 -4.62 -0.60
CA GLU A 16 3.53 -5.52 -1.24
C GLU A 16 3.38 -5.46 -2.77
N LYS A 17 4.47 -5.27 -3.47
CA LYS A 17 4.39 -5.20 -4.96
C LYS A 17 4.25 -6.62 -5.54
N CYS A 18 3.28 -6.82 -6.40
CA CYS A 18 3.10 -8.17 -6.99
C CYS A 18 2.59 -8.05 -8.44
N TRP A 19 2.29 -9.16 -9.06
CA TRP A 19 1.78 -9.11 -10.47
C TRP A 19 0.34 -9.64 -10.53
N SER A 20 -0.61 -8.77 -10.70
CA SER A 20 -2.03 -9.23 -10.76
C SER A 20 -2.29 -9.92 -12.11
N ARG A 21 -2.81 -11.13 -12.07
CA ARG A 21 -3.09 -11.84 -13.34
C ARG A 21 -4.32 -11.25 -14.03
N ARG A 22 -5.19 -10.62 -13.28
CA ARG A 22 -6.41 -10.02 -13.89
C ARG A 22 -6.05 -8.77 -14.67
N GLU A 23 -5.30 -7.89 -14.08
CA GLU A 23 -4.90 -6.64 -14.79
C GLU A 23 -3.71 -6.90 -15.71
N ASN A 24 -3.12 -8.06 -15.60
CA ASN A 24 -1.95 -8.40 -16.46
C ASN A 24 -0.82 -7.40 -16.24
N ARG A 25 -0.47 -7.16 -15.02
CA ARG A 25 0.63 -6.20 -14.72
C ARG A 25 0.89 -6.16 -13.21
N PRO A 26 1.89 -5.43 -12.83
CA PRO A 26 2.24 -5.32 -11.40
C PRO A 26 1.44 -4.20 -10.72
N TYR A 27 1.47 -4.16 -9.42
CA TYR A 27 0.71 -3.12 -8.68
C TYR A 27 1.01 -3.21 -7.18
N TYR A 28 0.09 -2.81 -6.35
CA TYR A 28 0.32 -2.89 -4.89
C TYR A 28 -0.89 -3.52 -4.20
N PHE A 29 -0.68 -4.55 -3.44
CA PHE A 29 -1.83 -5.20 -2.75
C PHE A 29 -1.64 -5.15 -1.23
N ASN A 30 -2.46 -4.41 -0.54
CA ASN A 30 -2.32 -4.33 0.93
C ASN A 30 -2.94 -5.56 1.59
N ARG A 31 -2.12 -6.50 1.99
CA ARG A 31 -2.65 -7.73 2.63
C ARG A 31 -3.38 -7.37 3.93
N PHE A 32 -3.21 -6.15 4.40
CA PHE A 32 -3.88 -5.74 5.66
C PHE A 32 -5.32 -5.32 5.38
N THR A 33 -5.52 -4.29 4.61
CA THR A 33 -6.91 -3.83 4.31
C THR A 33 -7.37 -4.40 2.96
N ASN A 34 -6.66 -5.37 2.43
CA ASN A 34 -7.05 -5.97 1.13
C ASN A 34 -7.07 -4.90 0.03
N GLN A 35 -6.42 -3.78 0.25
CA GLN A 35 -6.41 -2.72 -0.78
C GLN A 35 -5.73 -3.21 -2.06
N SER A 36 -5.99 -2.56 -3.16
CA SER A 36 -5.35 -2.98 -4.44
C SER A 36 -5.10 -1.76 -5.32
N LEU A 37 -3.97 -1.13 -5.16
CA LEU A 37 -3.67 0.08 -5.98
C LEU A 37 -2.90 -0.29 -7.24
N TRP A 38 -2.31 0.68 -7.89
CA TRP A 38 -1.53 0.41 -9.12
C TRP A 38 -0.22 1.22 -9.09
N GLU A 39 0.02 1.91 -8.00
CA GLU A 39 1.27 2.72 -7.88
C GLU A 39 1.67 2.82 -6.41
N MET A 40 2.94 2.82 -6.12
CA MET A 40 3.39 2.92 -4.71
C MET A 40 2.51 3.91 -3.93
N PRO A 41 1.96 3.44 -2.85
CA PRO A 41 1.08 4.28 -2.01
C PRO A 41 1.91 5.15 -1.07
N VAL A 42 1.29 6.07 -0.39
CA VAL A 42 2.04 6.96 0.54
C VAL A 42 1.51 6.79 1.97
N LEU A 43 2.22 7.30 2.94
CA LEU A 43 1.76 7.17 4.35
C LEU A 43 2.50 8.17 5.25
N GLY A 44 1.92 8.50 6.37
CA GLY A 44 2.58 9.47 7.29
C GLY A 44 2.26 9.09 8.73
N GLN A 45 1.36 9.78 9.35
CA GLN A 45 1.00 9.47 10.76
C GLN A 45 0.39 8.07 10.84
N HIS A 46 -0.01 7.64 12.02
CA HIS A 46 -0.61 6.29 12.16
C HIS A 46 -2.13 6.37 11.94
N ASP A 47 -2.65 7.55 11.69
CA ASP A 47 -4.11 7.68 11.48
C ASP A 47 -4.53 6.96 10.20
N VAL A 48 -5.74 7.18 9.74
CA VAL A 48 -6.20 6.52 8.50
C VAL A 48 -7.21 7.40 7.76
N ILE A 49 -6.77 8.50 7.23
CA ILE A 49 -7.70 9.41 6.50
C ILE A 49 -8.02 8.84 5.12
N SER A 50 -8.66 9.61 4.28
CA SER A 50 -9.00 9.12 2.92
C SER A 50 -9.88 10.15 2.18
N ASP A 51 -9.61 11.42 2.39
CA ASP A 51 -10.43 12.46 1.72
C ASP A 51 -9.51 13.52 1.08
N PRO A 52 -8.89 13.14 0.00
CA PRO A 52 -7.98 14.06 -0.72
C PRO A 52 -8.77 15.15 -1.45
N LEU A 6 8.98 0.62 -1.76
CA LEU A 6 8.17 0.33 -0.53
C LEU A 6 9.05 0.44 0.71
N PRO A 7 9.08 1.62 1.27
CA PRO A 7 9.90 1.87 2.48
C PRO A 7 9.26 1.22 3.71
N GLU A 8 9.97 1.14 4.79
CA GLU A 8 9.41 0.52 6.02
C GLU A 8 8.03 1.10 6.34
N GLU A 9 7.83 2.36 6.07
CA GLU A 9 6.51 2.99 6.38
C GLU A 9 5.39 2.22 5.67
N LEU A 10 5.60 1.83 4.45
CA LEU A 10 4.55 1.07 3.71
C LEU A 10 4.48 -0.37 4.21
N VAL A 11 5.60 -0.96 4.51
CA VAL A 11 5.61 -2.36 5.00
C VAL A 11 4.75 -2.47 6.27
N HIS A 12 4.78 -1.47 7.10
CA HIS A 12 3.97 -1.52 8.35
C HIS A 12 2.49 -1.62 7.99
N ALA A 13 2.05 -0.88 7.01
CA ALA A 13 0.61 -0.94 6.62
C ALA A 13 0.28 -2.33 6.07
N GLY A 14 1.25 -2.99 5.50
CA GLY A 14 0.99 -4.35 4.94
C GLY A 14 0.93 -4.28 3.41
N TRP A 15 1.73 -3.43 2.82
CA TRP A 15 1.72 -3.32 1.33
C TRP A 15 2.75 -4.28 0.72
N GLU A 16 2.57 -4.65 -0.52
CA GLU A 16 3.54 -5.57 -1.17
C GLU A 16 3.40 -5.50 -2.69
N LYS A 17 4.50 -5.34 -3.39
CA LYS A 17 4.41 -5.25 -4.88
C LYS A 17 4.27 -6.65 -5.49
N CYS A 18 3.35 -6.80 -6.41
CA CYS A 18 3.16 -8.15 -7.04
C CYS A 18 2.62 -7.99 -8.46
N TRP A 19 2.35 -9.09 -9.13
CA TRP A 19 1.83 -9.01 -10.53
C TRP A 19 0.43 -9.61 -10.60
N SER A 20 -0.58 -8.79 -10.77
CA SER A 20 -1.97 -9.33 -10.86
C SER A 20 -2.19 -10.04 -12.20
N ARG A 21 -2.72 -11.22 -12.17
CA ARG A 21 -2.95 -11.98 -13.45
C ARG A 21 -4.20 -11.45 -14.15
N ARG A 22 -5.06 -10.78 -13.45
CA ARG A 22 -6.30 -10.24 -14.09
C ARG A 22 -5.96 -9.00 -14.92
N GLU A 23 -5.30 -8.05 -14.32
CA GLU A 23 -4.94 -6.81 -15.07
C GLU A 23 -3.70 -7.04 -15.93
N ASN A 24 -3.05 -8.16 -15.74
CA ASN A 24 -1.83 -8.47 -16.54
C ASN A 24 -0.76 -7.41 -16.29
N ARG A 25 -0.53 -7.06 -15.05
CA ARG A 25 0.51 -6.04 -14.73
C ARG A 25 0.79 -6.03 -13.24
N PRO A 26 1.78 -5.29 -12.86
CA PRO A 26 2.16 -5.19 -11.44
C PRO A 26 1.37 -4.10 -10.73
N TYR A 27 1.40 -4.10 -9.43
CA TYR A 27 0.64 -3.06 -8.66
C TYR A 27 0.96 -3.19 -7.17
N TYR A 28 0.06 -2.75 -6.34
CA TYR A 28 0.30 -2.86 -4.87
C TYR A 28 -0.94 -3.47 -4.19
N PHE A 29 -0.73 -4.45 -3.35
CA PHE A 29 -1.89 -5.09 -2.67
C PHE A 29 -1.71 -5.04 -1.15
N ASN A 30 -2.54 -4.30 -0.47
CA ASN A 30 -2.40 -4.21 1.01
C ASN A 30 -3.01 -5.47 1.66
N ARG A 31 -2.18 -6.40 2.04
CA ARG A 31 -2.71 -7.65 2.67
C ARG A 31 -3.41 -7.31 3.99
N PHE A 32 -3.27 -6.11 4.47
CA PHE A 32 -3.92 -5.72 5.75
C PHE A 32 -5.33 -5.20 5.48
N THR A 33 -5.46 -4.23 4.62
CA THR A 33 -6.81 -3.67 4.32
C THR A 33 -7.34 -4.24 3.00
N ASN A 34 -6.72 -5.27 2.50
CA ASN A 34 -7.19 -5.88 1.22
C ASN A 34 -7.21 -4.83 0.10
N GLN A 35 -6.54 -3.72 0.31
CA GLN A 35 -6.53 -2.66 -0.74
C GLN A 35 -5.83 -3.17 -2.01
N SER A 36 -6.10 -2.56 -3.12
CA SER A 36 -5.45 -2.98 -4.39
C SER A 36 -5.20 -1.76 -5.27
N LEU A 37 -4.05 -1.15 -5.13
CA LEU A 37 -3.74 0.07 -5.94
C LEU A 37 -2.98 -0.31 -7.21
N TRP A 38 -2.38 0.66 -7.84
CA TRP A 38 -1.59 0.39 -9.08
C TRP A 38 -0.28 1.16 -9.05
N GLU A 39 0.00 1.83 -7.96
CA GLU A 39 1.27 2.60 -7.85
C GLU A 39 1.63 2.75 -6.37
N MET A 40 2.90 2.85 -6.07
CA MET A 40 3.32 2.99 -4.64
C MET A 40 2.38 3.96 -3.91
N PRO A 41 1.88 3.51 -2.79
CA PRO A 41 0.95 4.34 -1.99
C PRO A 41 1.71 5.35 -1.14
N VAL A 42 1.02 6.12 -0.34
CA VAL A 42 1.70 7.12 0.52
C VAL A 42 1.33 6.87 1.99
N LEU A 43 1.79 7.71 2.88
CA LEU A 43 1.47 7.52 4.31
C LEU A 43 1.42 8.86 5.04
N GLY A 44 1.45 8.85 6.34
CA GLY A 44 1.41 10.13 7.11
C GLY A 44 2.34 11.15 6.45
N GLN A 45 3.43 10.69 5.89
CA GLN A 45 4.38 11.64 5.24
C GLN A 45 3.61 12.65 4.40
N HIS A 46 3.82 13.93 4.63
CA HIS A 46 3.10 14.95 3.84
C HIS A 46 1.59 14.79 4.01
N ASP A 47 1.10 14.94 5.21
CA ASP A 47 -0.37 14.79 5.46
C ASP A 47 -1.14 15.91 4.76
N VAL A 48 -2.43 15.96 4.96
CA VAL A 48 -3.24 17.03 4.31
C VAL A 48 -2.86 18.39 4.88
N ILE A 49 -2.94 19.42 4.09
CA ILE A 49 -2.58 20.79 4.60
C ILE A 49 -3.57 21.22 5.69
N SER A 50 -3.19 21.07 6.93
CA SER A 50 -4.10 21.48 8.04
C SER A 50 -3.36 22.39 9.03
N ASP A 51 -3.79 23.62 9.17
CA ASP A 51 -3.11 24.56 10.11
C ASP A 51 -1.65 24.76 9.69
N PRO A 52 -1.48 25.37 8.54
CA PRO A 52 -0.13 25.66 8.02
C PRO A 52 0.55 26.76 8.81
N LEU A 6 8.85 0.89 -1.86
CA LEU A 6 8.08 0.55 -0.63
C LEU A 6 8.98 0.66 0.61
N PRO A 7 8.98 1.84 1.18
CA PRO A 7 9.82 2.09 2.39
C PRO A 7 9.20 1.41 3.61
N GLU A 8 9.96 1.32 4.67
CA GLU A 8 9.43 0.66 5.91
C GLU A 8 8.06 1.25 6.27
N GLU A 9 7.84 2.50 6.00
CA GLU A 9 6.53 3.13 6.34
C GLU A 9 5.39 2.36 5.66
N LEU A 10 5.56 2.02 4.41
CA LEU A 10 4.49 1.27 3.69
C LEU A 10 4.44 -0.18 4.16
N VAL A 11 5.58 -0.82 4.21
CA VAL A 11 5.60 -2.24 4.67
C VAL A 11 4.84 -2.38 5.99
N HIS A 12 4.92 -1.39 6.83
CA HIS A 12 4.20 -1.46 8.14
C HIS A 12 2.69 -1.47 7.91
N ALA A 13 2.22 -0.69 6.96
CA ALA A 13 0.76 -0.66 6.68
C ALA A 13 0.29 -2.02 6.15
N GLY A 14 1.18 -2.77 5.55
CA GLY A 14 0.77 -4.10 5.02
C GLY A 14 0.74 -4.06 3.50
N TRP A 15 1.55 -3.23 2.89
CA TRP A 15 1.54 -3.15 1.40
C TRP A 15 2.56 -4.13 0.81
N GLU A 16 2.43 -4.46 -0.45
CA GLU A 16 3.39 -5.41 -1.08
C GLU A 16 3.30 -5.31 -2.60
N LYS A 17 4.38 -5.54 -3.29
CA LYS A 17 4.35 -5.46 -4.79
C LYS A 17 4.16 -6.85 -5.38
N CYS A 18 3.20 -7.00 -6.26
CA CYS A 18 2.95 -8.33 -6.88
C CYS A 18 2.52 -8.17 -8.34
N TRP A 19 2.11 -9.23 -8.98
CA TRP A 19 1.67 -9.13 -10.41
C TRP A 19 0.22 -9.58 -10.55
N SER A 20 -0.68 -8.66 -10.74
CA SER A 20 -2.12 -9.03 -10.88
C SER A 20 -2.35 -9.66 -12.25
N ARG A 21 -2.99 -10.80 -12.29
CA ARG A 21 -3.24 -11.48 -13.60
C ARG A 21 -4.37 -10.77 -14.36
N ARG A 22 -5.41 -10.39 -13.67
CA ARG A 22 -6.54 -9.69 -14.36
C ARG A 22 -6.04 -8.45 -15.09
N GLU A 23 -5.17 -7.71 -14.48
CA GLU A 23 -4.64 -6.48 -15.13
C GLU A 23 -3.40 -6.80 -15.96
N ASN A 24 -2.84 -7.97 -15.78
CA ASN A 24 -1.63 -8.36 -16.55
C ASN A 24 -0.49 -7.37 -16.28
N ARG A 25 -0.22 -7.11 -15.03
CA ARG A 25 0.87 -6.15 -14.67
C ARG A 25 1.06 -6.15 -13.16
N PRO A 26 2.07 -5.46 -12.71
CA PRO A 26 2.35 -5.37 -11.27
C PRO A 26 1.55 -4.26 -10.60
N TYR A 27 1.45 -4.30 -9.31
CA TYR A 27 0.68 -3.25 -8.57
C TYR A 27 0.97 -3.35 -7.08
N TYR A 28 0.05 -2.91 -6.26
CA TYR A 28 0.27 -3.00 -4.79
C TYR A 28 -0.95 -3.61 -4.10
N PHE A 29 -0.75 -4.56 -3.23
CA PHE A 29 -1.90 -5.19 -2.54
C PHE A 29 -1.73 -5.09 -1.02
N ASN A 30 -2.59 -4.35 -0.36
CA ASN A 30 -2.48 -4.22 1.11
C ASN A 30 -3.02 -5.48 1.81
N ARG A 31 -2.16 -6.38 2.17
CA ARG A 31 -2.62 -7.63 2.84
C ARG A 31 -3.42 -7.28 4.11
N PHE A 32 -3.33 -6.06 4.57
CA PHE A 32 -4.07 -5.66 5.80
C PHE A 32 -5.53 -5.36 5.46
N THR A 33 -5.78 -4.34 4.68
CA THR A 33 -7.19 -4.01 4.32
C THR A 33 -7.55 -4.62 2.96
N ASN A 34 -6.78 -5.58 2.50
CA ASN A 34 -7.08 -6.21 1.19
C ASN A 34 -7.09 -5.17 0.07
N GLN A 35 -6.47 -4.05 0.28
CA GLN A 35 -6.44 -2.99 -0.76
C GLN A 35 -5.74 -3.51 -2.03
N SER A 36 -5.97 -2.86 -3.14
CA SER A 36 -5.30 -3.29 -4.40
C SER A 36 -5.08 -2.08 -5.30
N LEU A 37 -4.02 -1.36 -5.10
CA LEU A 37 -3.75 -0.16 -5.94
C LEU A 37 -2.99 -0.54 -7.20
N TRP A 38 -2.37 0.42 -7.83
CA TRP A 38 -1.59 0.14 -9.07
C TRP A 38 -0.26 0.92 -9.02
N GLU A 39 0.00 1.60 -7.94
CA GLU A 39 1.26 2.37 -7.82
C GLU A 39 1.63 2.53 -6.34
N MET A 40 2.90 2.60 -6.03
CA MET A 40 3.32 2.74 -4.61
C MET A 40 2.40 3.74 -3.89
N PRO A 41 1.88 3.31 -2.77
CA PRO A 41 0.98 4.17 -1.97
C PRO A 41 1.79 5.18 -1.14
N VAL A 42 1.12 5.99 -0.36
CA VAL A 42 1.84 6.99 0.46
C VAL A 42 1.39 6.90 1.92
N LEU A 43 2.07 7.57 2.81
CA LEU A 43 1.69 7.51 4.25
C LEU A 43 2.22 8.74 4.99
N GLY A 44 1.66 9.06 6.12
CA GLY A 44 2.14 10.24 6.88
C GLY A 44 1.92 10.01 8.38
N GLN A 45 2.70 9.16 8.98
CA GLN A 45 2.53 8.89 10.43
C GLN A 45 3.46 9.80 11.25
N HIS A 46 3.74 9.44 12.48
CA HIS A 46 4.63 10.29 13.31
C HIS A 46 4.07 11.71 13.41
N ASP A 47 3.01 11.90 14.14
CA ASP A 47 2.43 13.26 14.26
C ASP A 47 3.27 14.11 15.22
N VAL A 48 2.76 15.24 15.62
CA VAL A 48 3.53 16.11 16.56
C VAL A 48 5.00 16.17 16.14
N ILE A 49 5.28 16.57 14.93
CA ILE A 49 6.69 16.64 14.47
C ILE A 49 7.47 17.69 15.29
N SER A 50 8.25 17.26 16.23
CA SER A 50 9.02 18.23 17.05
C SER A 50 10.51 18.09 16.76
N ASP A 51 10.94 18.49 15.59
CA ASP A 51 12.38 18.39 15.24
C ASP A 51 12.86 19.69 14.60
N PRO A 52 14.12 19.99 14.83
CA PRO A 52 14.72 21.23 14.28
C PRO A 52 14.93 21.09 12.77
N LEU A 6 9.20 -0.44 -1.75
CA LEU A 6 8.35 -0.18 -0.56
C LEU A 6 9.22 -0.06 0.70
N PRO A 7 9.36 1.15 1.18
CA PRO A 7 10.17 1.40 2.39
C PRO A 7 9.43 0.92 3.64
N GLU A 8 10.10 0.90 4.76
CA GLU A 8 9.44 0.43 6.01
C GLU A 8 8.11 1.16 6.22
N GLU A 9 7.99 2.35 5.70
CA GLU A 9 6.72 3.11 5.87
C GLU A 9 5.54 2.32 5.30
N LEU A 10 5.64 1.92 4.07
CA LEU A 10 4.53 1.15 3.44
C LEU A 10 4.48 -0.27 4.00
N VAL A 11 5.63 -0.89 4.17
CA VAL A 11 5.65 -2.28 4.71
C VAL A 11 4.88 -2.33 6.02
N HIS A 12 4.96 -1.29 6.81
CA HIS A 12 4.22 -1.27 8.10
C HIS A 12 2.72 -1.29 7.87
N ALA A 13 2.26 -0.55 6.89
CA ALA A 13 0.80 -0.54 6.60
C ALA A 13 0.31 -1.91 6.15
N GLY A 14 1.16 -2.65 5.48
CA GLY A 14 0.76 -4.01 5.02
C GLY A 14 0.68 -4.03 3.49
N TRP A 15 1.48 -3.23 2.83
CA TRP A 15 1.44 -3.20 1.34
C TRP A 15 2.44 -4.21 0.77
N GLU A 16 2.13 -4.78 -0.36
CA GLU A 16 3.08 -5.77 -0.98
C GLU A 16 3.09 -5.63 -2.49
N LYS A 17 4.24 -5.45 -3.08
CA LYS A 17 4.32 -5.30 -4.56
C LYS A 17 4.13 -6.66 -5.23
N CYS A 18 3.12 -6.80 -6.05
CA CYS A 18 2.90 -8.11 -6.73
C CYS A 18 2.46 -7.89 -8.18
N TRP A 19 2.29 -8.97 -8.91
CA TRP A 19 1.86 -8.83 -10.34
C TRP A 19 0.46 -9.40 -10.52
N SER A 20 -0.51 -8.56 -10.78
CA SER A 20 -1.90 -9.06 -10.98
C SER A 20 -2.03 -9.75 -12.34
N ARG A 21 -2.27 -11.04 -12.34
CA ARG A 21 -2.39 -11.76 -13.63
C ARG A 21 -3.62 -11.26 -14.41
N ARG A 22 -4.66 -10.90 -13.72
CA ARG A 22 -5.89 -10.41 -14.42
C ARG A 22 -5.59 -9.10 -15.15
N GLU A 23 -4.97 -8.17 -14.49
CA GLU A 23 -4.64 -6.86 -15.14
C GLU A 23 -3.39 -7.00 -16.00
N ASN A 24 -2.69 -8.10 -15.87
CA ASN A 24 -1.45 -8.30 -16.68
C ASN A 24 -0.43 -7.21 -16.35
N ARG A 25 -0.23 -6.92 -15.10
CA ARG A 25 0.75 -5.87 -14.72
C ARG A 25 0.93 -5.86 -13.20
N PRO A 26 1.89 -5.10 -12.76
CA PRO A 26 2.18 -5.01 -11.32
C PRO A 26 1.34 -3.92 -10.67
N TYR A 27 1.27 -3.93 -9.37
CA TYR A 27 0.47 -2.89 -8.65
C TYR A 27 0.75 -2.97 -7.15
N TYR A 28 -0.25 -2.75 -6.33
CA TYR A 28 -0.03 -2.82 -4.86
C TYR A 28 -1.24 -3.47 -4.18
N PHE A 29 -1.01 -4.32 -3.23
CA PHE A 29 -2.14 -4.98 -2.53
C PHE A 29 -1.90 -4.98 -1.02
N ASN A 30 -2.68 -4.24 -0.28
CA ASN A 30 -2.50 -4.20 1.19
C ASN A 30 -3.09 -5.45 1.84
N ARG A 31 -2.26 -6.38 2.22
CA ARG A 31 -2.77 -7.63 2.86
C ARG A 31 -3.51 -7.29 4.16
N PHE A 32 -3.35 -6.08 4.64
CA PHE A 32 -4.04 -5.68 5.90
C PHE A 32 -5.50 -5.37 5.62
N THR A 33 -5.76 -4.39 4.80
CA THR A 33 -7.18 -4.04 4.48
C THR A 33 -7.58 -4.61 3.13
N ASN A 34 -6.83 -5.55 2.63
CA ASN A 34 -7.16 -6.16 1.31
C ASN A 34 -7.18 -5.09 0.21
N GLN A 35 -6.55 -3.97 0.44
CA GLN A 35 -6.54 -2.89 -0.59
C GLN A 35 -5.84 -3.38 -1.86
N SER A 36 -6.13 -2.74 -2.97
CA SER A 36 -5.48 -3.15 -4.25
C SER A 36 -5.31 -1.91 -5.14
N LEU A 37 -4.22 -1.22 -5.02
CA LEU A 37 -4.01 -0.01 -5.86
C LEU A 37 -3.26 -0.37 -7.14
N TRP A 38 -2.70 0.61 -7.79
CA TRP A 38 -1.94 0.35 -9.04
C TRP A 38 -0.65 1.17 -9.04
N GLU A 39 -0.38 1.86 -7.97
CA GLU A 39 0.87 2.67 -7.90
C GLU A 39 1.30 2.81 -6.43
N MET A 40 2.58 2.84 -6.19
CA MET A 40 3.07 2.97 -4.79
C MET A 40 2.20 3.97 -4.01
N PRO A 41 1.72 3.52 -2.87
CA PRO A 41 0.85 4.37 -2.03
C PRO A 41 1.70 5.35 -1.22
N VAL A 42 1.07 6.13 -0.38
CA VAL A 42 1.83 7.11 0.45
C VAL A 42 1.54 6.87 1.93
N LEU A 43 2.25 7.54 2.80
CA LEU A 43 2.02 7.35 4.26
C LEU A 43 2.64 8.51 5.06
N GLY A 44 2.20 8.71 6.27
CA GLY A 44 2.77 9.82 7.09
C GLY A 44 1.83 10.13 8.25
N GLN A 45 0.84 10.96 8.03
CA GLN A 45 -0.11 11.29 9.12
C GLN A 45 -0.96 10.08 9.49
N HIS A 46 -1.11 9.16 8.59
CA HIS A 46 -1.94 7.95 8.88
C HIS A 46 -1.16 6.98 9.78
N ASP A 47 -1.12 7.23 11.05
CA ASP A 47 -0.38 6.34 11.98
C ASP A 47 -1.29 5.18 12.44
N VAL A 48 -0.91 4.51 13.48
CA VAL A 48 -1.74 3.37 13.99
C VAL A 48 -2.17 3.63 15.43
N ILE A 49 -3.44 3.83 15.66
CA ILE A 49 -3.91 4.08 17.06
C ILE A 49 -3.90 2.79 17.87
N SER A 50 -3.12 2.73 18.90
CA SER A 50 -3.06 1.50 19.73
C SER A 50 -4.40 1.25 20.42
N ASP A 51 -5.11 0.23 20.00
CA ASP A 51 -6.44 -0.05 20.63
C ASP A 51 -7.05 -1.31 20.01
N PRO A 52 -6.50 -2.43 20.39
CA PRO A 52 -7.00 -3.73 19.86
C PRO A 52 -8.34 -4.09 20.49
N LEU A 6 8.72 0.43 -1.74
CA LEU A 6 7.98 0.14 -0.47
C LEU A 6 8.89 0.38 0.73
N PRO A 7 8.93 1.62 1.16
CA PRO A 7 9.78 2.01 2.32
C PRO A 7 9.15 1.50 3.62
N GLU A 8 9.87 1.58 4.70
CA GLU A 8 9.31 1.10 6.01
C GLU A 8 7.93 1.69 6.24
N GLU A 9 7.66 2.85 5.70
CA GLU A 9 6.32 3.48 5.89
C GLU A 9 5.23 2.54 5.39
N LEU A 10 5.42 1.96 4.24
CA LEU A 10 4.40 1.03 3.69
C LEU A 10 4.47 -0.32 4.39
N VAL A 11 5.65 -0.81 4.61
CA VAL A 11 5.79 -2.13 5.30
C VAL A 11 5.03 -2.13 6.62
N HIS A 12 5.00 -1.01 7.29
CA HIS A 12 4.26 -0.93 8.58
C HIS A 12 2.77 -1.16 8.35
N ALA A 13 2.21 -0.53 7.35
CA ALA A 13 0.76 -0.72 7.07
C ALA A 13 0.48 -2.17 6.64
N GLY A 14 1.05 -2.58 5.56
CA GLY A 14 0.84 -3.98 5.09
C GLY A 14 0.77 -4.02 3.56
N TRP A 15 1.57 -3.22 2.90
CA TRP A 15 1.55 -3.22 1.40
C TRP A 15 2.59 -4.19 0.85
N GLU A 16 2.41 -4.59 -0.39
CA GLU A 16 3.38 -5.53 -1.02
C GLU A 16 3.22 -5.51 -2.54
N LYS A 17 4.30 -5.44 -3.27
CA LYS A 17 4.18 -5.41 -4.75
C LYS A 17 3.92 -6.81 -5.31
N CYS A 18 3.05 -6.93 -6.27
CA CYS A 18 2.75 -8.27 -6.86
C CYS A 18 2.33 -8.12 -8.33
N TRP A 19 2.13 -9.22 -9.01
CA TRP A 19 1.71 -9.14 -10.44
C TRP A 19 0.25 -9.59 -10.59
N SER A 20 -0.65 -8.67 -10.77
CA SER A 20 -2.08 -9.06 -10.93
C SER A 20 -2.31 -9.69 -12.30
N ARG A 21 -2.89 -10.85 -12.34
CA ARG A 21 -3.13 -11.52 -13.66
C ARG A 21 -4.26 -10.82 -14.42
N ARG A 22 -5.35 -10.54 -13.76
CA ARG A 22 -6.49 -9.85 -14.44
C ARG A 22 -6.00 -8.57 -15.13
N GLU A 23 -5.22 -7.80 -14.44
CA GLU A 23 -4.71 -6.53 -15.04
C GLU A 23 -3.49 -6.81 -15.92
N ASN A 24 -2.92 -7.98 -15.80
CA ASN A 24 -1.72 -8.32 -16.62
C ASN A 24 -0.59 -7.33 -16.33
N ARG A 25 -0.28 -7.11 -15.08
CA ARG A 25 0.82 -6.17 -14.73
C ARG A 25 1.00 -6.14 -13.22
N PRO A 26 2.02 -5.45 -12.79
CA PRO A 26 2.32 -5.36 -11.35
C PRO A 26 1.53 -4.22 -10.71
N TYR A 27 1.49 -4.19 -9.40
CA TYR A 27 0.73 -3.12 -8.70
C TYR A 27 1.00 -3.20 -7.19
N TYR A 28 0.02 -2.89 -6.38
CA TYR A 28 0.22 -2.95 -4.92
C TYR A 28 -1.00 -3.58 -4.24
N PHE A 29 -0.78 -4.52 -3.36
CA PHE A 29 -1.94 -5.17 -2.68
C PHE A 29 -1.73 -5.17 -1.17
N ASN A 30 -2.53 -4.42 -0.45
CA ASN A 30 -2.36 -4.38 1.04
C ASN A 30 -2.96 -5.64 1.67
N ARG A 31 -2.13 -6.50 2.19
CA ARG A 31 -2.64 -7.75 2.83
C ARG A 31 -3.38 -7.41 4.13
N PHE A 32 -3.34 -6.16 4.53
CA PHE A 32 -4.04 -5.77 5.79
C PHE A 32 -5.50 -5.40 5.50
N THR A 33 -5.72 -4.49 4.59
CA THR A 33 -7.11 -4.09 4.26
C THR A 33 -7.52 -4.65 2.90
N ASN A 34 -6.80 -5.61 2.40
CA ASN A 34 -7.13 -6.20 1.08
C ASN A 34 -7.11 -5.13 -0.01
N GLN A 35 -6.45 -4.02 0.24
CA GLN A 35 -6.39 -2.94 -0.78
C GLN A 35 -5.70 -3.43 -2.05
N SER A 36 -5.96 -2.79 -3.15
CA SER A 36 -5.31 -3.21 -4.43
C SER A 36 -5.10 -1.98 -5.32
N LEU A 37 -4.01 -1.29 -5.15
CA LEU A 37 -3.76 -0.08 -5.98
C LEU A 37 -2.99 -0.44 -7.25
N TRP A 38 -2.43 0.54 -7.89
CA TRP A 38 -1.65 0.29 -9.14
C TRP A 38 -0.37 1.11 -9.13
N GLU A 39 -0.10 1.78 -8.04
CA GLU A 39 1.14 2.60 -7.93
C GLU A 39 1.56 2.71 -6.46
N MET A 40 2.84 2.71 -6.20
CA MET A 40 3.31 2.80 -4.79
C MET A 40 2.44 3.79 -3.99
N PRO A 41 1.90 3.31 -2.91
CA PRO A 41 1.03 4.16 -2.06
C PRO A 41 1.88 5.06 -1.17
N VAL A 42 1.24 5.93 -0.42
CA VAL A 42 2.02 6.84 0.48
C VAL A 42 1.60 6.62 1.93
N LEU A 43 2.38 7.13 2.85
CA LEU A 43 2.04 6.95 4.30
C LEU A 43 2.81 7.97 5.15
N GLY A 44 2.31 8.27 6.32
CA GLY A 44 3.02 9.25 7.20
C GLY A 44 1.99 10.02 8.03
N GLN A 45 1.00 10.59 7.40
CA GLN A 45 -0.02 11.35 8.15
C GLN A 45 -0.85 10.40 9.03
N HIS A 46 -1.84 10.92 9.71
CA HIS A 46 -2.68 10.04 10.59
C HIS A 46 -4.12 9.98 10.06
N ASP A 47 -4.41 10.74 9.03
CA ASP A 47 -5.79 10.73 8.48
C ASP A 47 -5.82 10.04 7.11
N VAL A 48 -6.82 10.32 6.34
CA VAL A 48 -6.92 9.68 4.99
C VAL A 48 -6.91 10.76 3.90
N ILE A 49 -6.33 10.46 2.77
CA ILE A 49 -6.29 11.47 1.67
C ILE A 49 -7.54 11.36 0.80
N SER A 50 -8.69 11.28 1.41
CA SER A 50 -9.95 11.16 0.62
C SER A 50 -9.92 9.91 -0.26
N ASP A 51 -10.63 8.88 0.13
CA ASP A 51 -10.64 7.64 -0.68
C ASP A 51 -11.08 7.94 -2.12
N PRO A 52 -10.71 7.05 -3.01
CA PRO A 52 -11.08 7.22 -4.44
C PRO A 52 -12.56 6.94 -4.65
N LEU A 6 8.58 0.15 -1.92
CA LEU A 6 7.87 0.02 -0.62
C LEU A 6 8.85 0.22 0.54
N PRO A 7 8.93 1.44 1.01
CA PRO A 7 9.84 1.76 2.13
C PRO A 7 9.28 1.20 3.44
N GLU A 8 10.07 1.21 4.48
CA GLU A 8 9.59 0.68 5.79
C GLU A 8 8.23 1.30 6.15
N GLU A 9 7.98 2.49 5.70
CA GLU A 9 6.68 3.15 6.02
C GLU A 9 5.52 2.30 5.53
N LEU A 10 5.52 1.94 4.28
CA LEU A 10 4.41 1.11 3.73
C LEU A 10 4.50 -0.33 4.26
N VAL A 11 5.70 -0.84 4.38
CA VAL A 11 5.86 -2.23 4.89
C VAL A 11 5.26 -2.34 6.30
N HIS A 12 5.29 -1.27 7.04
CA HIS A 12 4.72 -1.30 8.42
C HIS A 12 3.22 -1.53 8.35
N ALA A 13 2.54 -0.85 7.47
CA ALA A 13 1.06 -1.04 7.35
C ALA A 13 0.76 -2.46 6.87
N GLY A 14 1.12 -2.78 5.66
CA GLY A 14 0.87 -4.15 5.13
C GLY A 14 0.78 -4.11 3.60
N TRP A 15 1.56 -3.28 2.97
CA TRP A 15 1.51 -3.21 1.48
C TRP A 15 2.55 -4.17 0.88
N GLU A 16 2.36 -4.57 -0.35
CA GLU A 16 3.33 -5.50 -1.00
C GLU A 16 3.17 -5.46 -2.53
N LYS A 17 4.25 -5.32 -3.24
CA LYS A 17 4.16 -5.29 -4.73
C LYS A 17 3.91 -6.70 -5.28
N CYS A 18 2.95 -6.84 -6.15
CA CYS A 18 2.67 -8.19 -6.72
C CYS A 18 2.34 -8.08 -8.22
N TRP A 19 1.99 -9.16 -8.84
CA TRP A 19 1.65 -9.12 -10.29
C TRP A 19 0.20 -9.59 -10.51
N SER A 20 -0.69 -8.69 -10.78
CA SER A 20 -2.11 -9.10 -11.00
C SER A 20 -2.25 -9.78 -12.37
N ARG A 21 -2.82 -10.95 -12.40
CA ARG A 21 -2.98 -11.66 -13.70
C ARG A 21 -4.07 -11.02 -14.53
N ARG A 22 -5.15 -10.62 -13.92
CA ARG A 22 -6.26 -9.99 -14.68
C ARG A 22 -5.77 -8.69 -15.35
N GLU A 23 -5.03 -7.90 -14.64
CA GLU A 23 -4.53 -6.63 -15.23
C GLU A 23 -3.26 -6.88 -16.05
N ASN A 24 -2.67 -8.05 -15.90
CA ASN A 24 -1.43 -8.37 -16.66
C ASN A 24 -0.32 -7.36 -16.32
N ARG A 25 -0.10 -7.11 -15.07
CA ARG A 25 0.97 -6.15 -14.67
C ARG A 25 1.11 -6.15 -13.14
N PRO A 26 2.10 -5.46 -12.67
CA PRO A 26 2.36 -5.37 -11.23
C PRO A 26 1.55 -4.24 -10.59
N TYR A 27 1.45 -4.24 -9.29
CA TYR A 27 0.69 -3.18 -8.59
C TYR A 27 0.94 -3.26 -7.08
N TYR A 28 0.00 -2.83 -6.29
CA TYR A 28 0.20 -2.89 -4.81
C TYR A 28 -1.01 -3.54 -4.14
N PHE A 29 -0.79 -4.49 -3.28
CA PHE A 29 -1.93 -5.17 -2.60
C PHE A 29 -1.76 -5.09 -1.08
N ASN A 30 -2.64 -4.41 -0.41
CA ASN A 30 -2.52 -4.29 1.06
C ASN A 30 -3.09 -5.54 1.74
N ARG A 31 -2.24 -6.40 2.23
CA ARG A 31 -2.75 -7.64 2.90
C ARG A 31 -3.46 -7.28 4.20
N PHE A 32 -3.37 -6.03 4.61
CA PHE A 32 -4.05 -5.61 5.87
C PHE A 32 -5.47 -5.12 5.57
N THR A 33 -5.62 -4.27 4.60
CA THR A 33 -6.99 -3.76 4.27
C THR A 33 -7.47 -4.37 2.95
N ASN A 34 -6.82 -5.40 2.48
CA ASN A 34 -7.24 -6.03 1.20
C ASN A 34 -7.26 -5.00 0.06
N GLN A 35 -6.64 -3.87 0.26
CA GLN A 35 -6.63 -2.83 -0.81
C GLN A 35 -5.89 -3.35 -2.04
N SER A 36 -6.12 -2.73 -3.17
CA SER A 36 -5.43 -3.17 -4.42
C SER A 36 -5.21 -1.96 -5.33
N LEU A 37 -4.09 -1.28 -5.17
CA LEU A 37 -3.82 -0.08 -6.00
C LEU A 37 -3.04 -0.45 -7.26
N TRP A 38 -2.46 0.51 -7.89
CA TRP A 38 -1.67 0.25 -9.13
C TRP A 38 -0.38 1.08 -9.10
N GLU A 39 -0.13 1.77 -8.02
CA GLU A 39 1.10 2.59 -7.92
C GLU A 39 1.47 2.78 -6.45
N MET A 40 2.74 2.88 -6.14
CA MET A 40 3.15 3.05 -4.71
C MET A 40 2.22 4.03 -4.00
N PRO A 41 1.71 3.59 -2.87
CA PRO A 41 0.78 4.42 -2.08
C PRO A 41 1.57 5.42 -1.21
N VAL A 42 0.88 6.17 -0.39
CA VAL A 42 1.58 7.15 0.49
C VAL A 42 1.28 6.85 1.95
N LEU A 43 1.91 7.56 2.85
CA LEU A 43 1.66 7.32 4.31
C LEU A 43 1.74 8.63 5.08
N GLY A 44 1.04 8.72 6.18
CA GLY A 44 1.09 9.97 7.00
C GLY A 44 1.74 9.68 8.34
N GLN A 45 2.93 9.17 8.34
CA GLN A 45 3.63 8.86 9.63
C GLN A 45 4.13 10.15 10.28
N HIS A 46 4.07 11.25 9.57
CA HIS A 46 4.55 12.54 10.15
C HIS A 46 3.61 13.68 9.75
N ASP A 47 2.35 13.57 10.11
CA ASP A 47 1.38 14.64 9.75
C ASP A 47 1.78 15.97 10.41
N VAL A 48 0.89 16.93 10.42
CA VAL A 48 1.23 18.23 11.06
C VAL A 48 0.98 18.17 12.57
N ILE A 49 1.96 18.52 13.36
CA ILE A 49 1.77 18.48 14.83
C ILE A 49 1.07 19.74 15.31
N SER A 50 -0.19 19.64 15.67
CA SER A 50 -0.93 20.84 16.14
C SER A 50 -1.40 20.63 17.59
N ASP A 51 -2.51 19.97 17.77
CA ASP A 51 -3.02 19.73 19.14
C ASP A 51 -3.31 21.06 19.85
N PRO A 52 -4.52 21.52 19.70
CA PRO A 52 -4.93 22.81 20.32
C PRO A 52 -5.08 22.65 21.83
N LEU A 6 9.14 -0.84 -1.48
CA LEU A 6 8.33 -0.11 -0.46
C LEU A 6 9.18 0.21 0.77
N PRO A 7 9.13 1.45 1.19
CA PRO A 7 9.91 1.89 2.37
C PRO A 7 9.29 1.36 3.66
N GLU A 8 10.01 1.42 4.75
CA GLU A 8 9.48 0.92 6.04
C GLU A 8 8.09 1.52 6.31
N GLU A 9 7.85 2.71 5.84
CA GLU A 9 6.52 3.35 6.08
C GLU A 9 5.40 2.49 5.50
N LEU A 10 5.58 1.97 4.32
CA LEU A 10 4.53 1.11 3.70
C LEU A 10 4.58 -0.29 4.30
N VAL A 11 5.75 -0.81 4.51
CA VAL A 11 5.86 -2.19 5.08
C VAL A 11 5.13 -2.26 6.41
N HIS A 12 5.12 -1.18 7.15
CA HIS A 12 4.42 -1.19 8.47
C HIS A 12 2.92 -1.37 8.26
N ALA A 13 2.35 -0.68 7.31
CA ALA A 13 0.89 -0.80 7.05
C ALA A 13 0.56 -2.23 6.57
N GLY A 14 1.27 -2.70 5.59
CA GLY A 14 1.00 -4.08 5.08
C GLY A 14 0.90 -4.04 3.55
N TRP A 15 1.66 -3.21 2.91
CA TRP A 15 1.60 -3.13 1.42
C TRP A 15 2.61 -4.09 0.80
N GLU A 16 2.38 -4.51 -0.43
CA GLU A 16 3.33 -5.44 -1.09
C GLU A 16 3.14 -5.40 -2.61
N LYS A 17 4.18 -5.14 -3.35
CA LYS A 17 4.04 -5.08 -4.83
C LYS A 17 4.00 -6.49 -5.41
N CYS A 18 3.04 -6.77 -6.25
CA CYS A 18 2.94 -8.13 -6.86
C CYS A 18 2.52 -8.03 -8.33
N TRP A 19 2.17 -9.12 -8.93
CA TRP A 19 1.75 -9.09 -10.37
C TRP A 19 0.31 -9.59 -10.51
N SER A 20 -0.62 -8.71 -10.77
CA SER A 20 -2.03 -9.15 -10.94
C SER A 20 -2.21 -9.84 -12.28
N ARG A 21 -2.84 -10.98 -12.30
CA ARG A 21 -3.03 -11.71 -13.59
C ARG A 21 -4.18 -11.09 -14.38
N ARG A 22 -5.13 -10.49 -13.71
CA ARG A 22 -6.28 -9.87 -14.42
C ARG A 22 -5.82 -8.62 -15.18
N GLU A 23 -5.09 -7.76 -14.52
CA GLU A 23 -4.61 -6.52 -15.18
C GLU A 23 -3.36 -6.83 -16.02
N ASN A 24 -2.81 -8.00 -15.86
CA ASN A 24 -1.59 -8.36 -16.65
C ASN A 24 -0.46 -7.37 -16.35
N ARG A 25 -0.24 -7.08 -15.09
CA ARG A 25 0.86 -6.13 -14.72
C ARG A 25 1.03 -6.11 -13.21
N PRO A 26 2.03 -5.41 -12.77
CA PRO A 26 2.31 -5.31 -11.32
C PRO A 26 1.51 -4.18 -10.68
N TYR A 27 1.42 -4.18 -9.38
CA TYR A 27 0.65 -3.12 -8.68
C TYR A 27 0.92 -3.18 -7.18
N TYR A 28 -0.05 -2.88 -6.37
CA TYR A 28 0.16 -2.93 -4.90
C TYR A 28 -1.05 -3.58 -4.22
N PHE A 29 -0.81 -4.53 -3.35
CA PHE A 29 -1.95 -5.20 -2.66
C PHE A 29 -1.77 -5.10 -1.15
N ASN A 30 -2.63 -4.37 -0.48
CA ASN A 30 -2.51 -4.24 1.00
C ASN A 30 -3.07 -5.49 1.68
N ARG A 31 -2.20 -6.32 2.20
CA ARG A 31 -2.69 -7.55 2.88
C ARG A 31 -3.39 -7.18 4.20
N PHE A 32 -3.34 -5.93 4.56
CA PHE A 32 -4.00 -5.50 5.83
C PHE A 32 -5.47 -5.16 5.56
N THR A 33 -5.73 -4.33 4.59
CA THR A 33 -7.15 -3.97 4.28
C THR A 33 -7.57 -4.58 2.94
N ASN A 34 -6.79 -5.51 2.45
CA ASN A 34 -7.12 -6.17 1.15
C ASN A 34 -7.20 -5.14 0.02
N GLN A 35 -6.65 -3.97 0.21
CA GLN A 35 -6.69 -2.93 -0.85
C GLN A 35 -5.95 -3.42 -2.10
N SER A 36 -6.23 -2.83 -3.23
CA SER A 36 -5.53 -3.24 -4.48
C SER A 36 -5.30 -2.01 -5.36
N LEU A 37 -4.18 -1.35 -5.20
CA LEU A 37 -3.91 -0.14 -6.02
C LEU A 37 -3.12 -0.50 -7.27
N TRP A 38 -2.55 0.48 -7.91
CA TRP A 38 -1.76 0.22 -9.15
C TRP A 38 -0.47 1.04 -9.11
N GLU A 39 -0.22 1.73 -8.03
CA GLU A 39 1.01 2.55 -7.91
C GLU A 39 1.39 2.70 -6.44
N MET A 40 2.66 2.77 -6.15
CA MET A 40 3.09 2.91 -4.72
C MET A 40 2.17 3.87 -3.98
N PRO A 41 1.66 3.42 -2.86
CA PRO A 41 0.75 4.25 -2.05
C PRO A 41 1.54 5.26 -1.22
N VAL A 42 0.87 5.99 -0.37
CA VAL A 42 1.59 7.00 0.48
C VAL A 42 1.38 6.67 1.96
N LEU A 43 2.12 7.31 2.82
CA LEU A 43 1.97 7.04 4.29
C LEU A 43 2.84 7.99 5.11
N GLY A 44 2.49 8.21 6.34
CA GLY A 44 3.30 9.13 7.19
C GLY A 44 2.58 9.35 8.52
N GLN A 45 1.50 10.07 8.51
CA GLN A 45 0.74 10.31 9.77
C GLN A 45 -0.06 9.06 10.16
N HIS A 46 -0.80 9.12 11.22
CA HIS A 46 -1.60 7.93 11.64
C HIS A 46 -2.69 8.34 12.63
N ASP A 47 -3.86 7.79 12.50
CA ASP A 47 -4.96 8.14 13.43
C ASP A 47 -4.86 7.31 14.71
N VAL A 48 -5.74 7.53 15.66
CA VAL A 48 -5.68 6.74 16.92
C VAL A 48 -6.85 5.75 16.97
N ILE A 49 -6.54 4.48 17.02
CA ILE A 49 -7.63 3.46 17.08
C ILE A 49 -8.53 3.71 18.29
N SER A 50 -9.82 3.65 18.11
CA SER A 50 -10.74 3.90 19.25
C SER A 50 -10.47 5.27 19.87
N ASP A 51 -11.25 5.64 20.86
CA ASP A 51 -11.04 6.96 21.50
C ASP A 51 -11.08 8.08 20.46
N PRO A 52 -12.20 8.18 19.80
CA PRO A 52 -12.37 9.22 18.75
C PRO A 52 -12.51 10.60 19.39
N LEU A 6 8.96 0.20 -1.95
CA LEU A 6 8.15 0.06 -0.71
C LEU A 6 9.03 0.21 0.53
N PRO A 7 9.12 1.42 1.01
CA PRO A 7 9.94 1.70 2.21
C PRO A 7 9.27 1.15 3.48
N GLU A 8 9.99 1.10 4.57
CA GLU A 8 9.39 0.58 5.82
C GLU A 8 8.05 1.26 6.11
N GLU A 9 7.88 2.47 5.65
CA GLU A 9 6.59 3.18 5.90
C GLU A 9 5.42 2.40 5.32
N LEU A 10 5.50 2.03 4.07
CA LEU A 10 4.39 1.26 3.45
C LEU A 10 4.38 -0.19 3.94
N VAL A 11 5.53 -0.78 4.06
CA VAL A 11 5.60 -2.18 4.55
C VAL A 11 4.88 -2.30 5.90
N HIS A 12 4.98 -1.29 6.71
CA HIS A 12 4.31 -1.33 8.04
C HIS A 12 2.79 -1.37 7.87
N ALA A 13 2.27 -0.64 6.93
CA ALA A 13 0.80 -0.64 6.71
C ALA A 13 0.32 -2.01 6.25
N GLY A 14 1.14 -2.70 5.50
CA GLY A 14 0.74 -4.06 5.03
C GLY A 14 0.66 -4.07 3.50
N TRP A 15 1.41 -3.22 2.85
CA TRP A 15 1.36 -3.18 1.36
C TRP A 15 2.37 -4.17 0.77
N GLU A 16 2.24 -4.51 -0.48
CA GLU A 16 3.20 -5.47 -1.10
C GLU A 16 3.10 -5.39 -2.64
N LYS A 17 4.20 -5.16 -3.30
CA LYS A 17 4.17 -5.08 -4.78
C LYS A 17 4.05 -6.49 -5.38
N CYS A 18 3.03 -6.73 -6.16
CA CYS A 18 2.88 -8.08 -6.77
C CYS A 18 2.41 -7.96 -8.23
N TRP A 19 2.27 -9.06 -8.91
CA TRP A 19 1.81 -9.01 -10.33
C TRP A 19 0.39 -9.57 -10.44
N SER A 20 -0.57 -8.73 -10.69
CA SER A 20 -1.98 -9.23 -10.81
C SER A 20 -2.15 -9.97 -12.15
N ARG A 21 -2.70 -11.15 -12.11
CA ARG A 21 -2.89 -11.91 -13.37
C ARG A 21 -4.08 -11.37 -14.17
N ARG A 22 -4.97 -10.68 -13.50
CA ARG A 22 -6.15 -10.12 -14.22
C ARG A 22 -5.76 -8.88 -15.01
N GLU A 23 -5.07 -7.97 -14.39
CA GLU A 23 -4.64 -6.73 -15.10
C GLU A 23 -3.39 -7.01 -15.94
N ASN A 24 -2.79 -8.15 -15.75
CA ASN A 24 -1.56 -8.49 -16.54
C ASN A 24 -0.47 -7.46 -16.26
N ARG A 25 -0.25 -7.13 -15.02
CA ARG A 25 0.80 -6.14 -14.67
C ARG A 25 1.00 -6.10 -13.17
N PRO A 26 2.03 -5.39 -12.76
CA PRO A 26 2.35 -5.28 -11.33
C PRO A 26 1.56 -4.13 -10.68
N TYR A 27 1.55 -4.08 -9.39
CA TYR A 27 0.80 -3.01 -8.69
C TYR A 27 1.04 -3.10 -7.18
N TYR A 28 0.09 -2.69 -6.39
CA TYR A 28 0.26 -2.77 -4.91
C TYR A 28 -0.97 -3.40 -4.27
N PHE A 29 -0.78 -4.19 -3.24
CA PHE A 29 -1.95 -4.82 -2.57
C PHE A 29 -1.74 -4.87 -1.07
N ASN A 30 -2.58 -4.22 -0.32
CA ASN A 30 -2.43 -4.22 1.16
C ASN A 30 -3.06 -5.47 1.76
N ARG A 31 -2.28 -6.43 2.16
CA ARG A 31 -2.84 -7.66 2.76
C ARG A 31 -3.59 -7.33 4.05
N PHE A 32 -3.43 -6.13 4.55
CA PHE A 32 -4.13 -5.74 5.80
C PHE A 32 -5.58 -5.38 5.50
N THR A 33 -5.81 -4.38 4.68
CA THR A 33 -7.22 -3.99 4.35
C THR A 33 -7.61 -4.57 2.99
N ASN A 34 -6.85 -5.51 2.49
CA ASN A 34 -7.17 -6.12 1.17
C ASN A 34 -7.17 -5.06 0.07
N GLN A 35 -6.57 -3.93 0.31
CA GLN A 35 -6.53 -2.86 -0.73
C GLN A 35 -5.77 -3.34 -1.96
N SER A 36 -6.01 -2.72 -3.09
CA SER A 36 -5.31 -3.12 -4.34
C SER A 36 -5.12 -1.89 -5.23
N LEU A 37 -3.99 -1.24 -5.12
CA LEU A 37 -3.76 -0.02 -5.95
C LEU A 37 -2.97 -0.37 -7.21
N TRP A 38 -2.40 0.61 -7.83
CA TRP A 38 -1.59 0.37 -9.06
C TRP A 38 -0.31 1.21 -9.01
N GLU A 39 -0.08 1.88 -7.91
CA GLU A 39 1.15 2.72 -7.79
C GLU A 39 1.51 2.85 -6.30
N MET A 40 2.78 2.91 -5.99
CA MET A 40 3.19 3.03 -4.57
C MET A 40 2.28 4.01 -3.82
N PRO A 41 1.72 3.54 -2.74
CA PRO A 41 0.81 4.37 -1.93
C PRO A 41 1.60 5.32 -1.02
N VAL A 42 0.94 5.97 -0.11
CA VAL A 42 1.66 6.91 0.80
C VAL A 42 1.51 6.46 2.26
N LEU A 43 2.19 7.10 3.16
CA LEU A 43 2.08 6.70 4.60
C LEU A 43 2.56 7.85 5.50
N GLY A 44 2.01 7.95 6.68
CA GLY A 44 2.44 9.03 7.61
C GLY A 44 1.32 9.30 8.63
N GLN A 45 0.10 9.19 8.22
CA GLN A 45 -1.04 9.43 9.16
C GLN A 45 -1.39 8.13 9.90
N HIS A 46 -0.94 7.02 9.40
CA HIS A 46 -1.25 5.72 10.07
C HIS A 46 -2.77 5.54 10.21
N ASP A 47 -3.33 5.91 11.32
CA ASP A 47 -4.80 5.77 11.51
C ASP A 47 -5.52 7.06 11.13
N VAL A 48 -6.76 7.20 11.53
CA VAL A 48 -7.51 8.44 11.19
C VAL A 48 -6.73 9.68 11.63
N ILE A 49 -6.90 10.78 10.95
CA ILE A 49 -6.17 12.02 11.33
C ILE A 49 -6.31 12.29 12.83
N SER A 50 -5.59 13.25 13.34
CA SER A 50 -5.69 13.57 14.79
C SER A 50 -4.80 14.77 15.13
N ASP A 51 -5.37 15.79 15.71
CA ASP A 51 -4.56 17.00 16.06
C ASP A 51 -3.69 17.41 14.86
N PRO A 52 -4.35 17.72 13.78
CA PRO A 52 -3.64 18.14 12.55
C PRO A 52 -3.07 19.56 12.71
#